data_3O3V
#
_entry.id   3O3V
#
_cell.length_a   103.940
_cell.length_b   149.930
_cell.length_c   87.330
_cell.angle_alpha   90.00
_cell.angle_beta   123.90
_cell.angle_gamma   90.00
#
_symmetry.space_group_name_H-M   'C 1 2 1'
#
loop_
_entity.id
_entity.type
_entity.pdbx_description
1 polymer beta-lactamase
2 water water
#
_entity_poly.entity_id   1
_entity_poly.type   'polypeptide(L)'
_entity_poly.pdbx_seq_one_letter_code
;ERLSTLIHQRMQEAKVPALSVSVTIKGVRQRFVYGVADVASQKANTLDTVYELGSMSKAFTGLVVQILIQEGRLRQGDDI
ITYLPEMRLNYQGKPASLTVADFLYHTSGLPFSTLARLENPMPGSAVAQQLRNENLLFAPGAKFSYASANYDVLGAVIEN
VTGKTFTEVIAERLTQPLGMSATVAVKGDEIIVNKASGYKLGFGKPVLFHAPLARNHVPAAYIHSTLPDMEIWIDAWLHR
KALPATLREAMSNSWRGNSDVPLAADNRILYASGWFIDQNQGPYISHGGQNPNFSSCIALRPDQQIGIVALANMNSNLIL
QLCADIDNYLRIGKY
;
_entity_poly.pdbx_strand_id   A,B,C
#
# COMPACT_ATOMS: atom_id res chain seq x y z
N GLU A 1 -29.83 -29.33 3.91
CA GLU A 1 -29.77 -30.23 2.71
C GLU A 1 -28.72 -29.74 1.73
N ARG A 2 -28.56 -28.42 1.65
CA ARG A 2 -27.56 -27.81 0.79
C ARG A 2 -26.46 -27.16 1.64
N LEU A 3 -25.23 -27.22 1.14
CA LEU A 3 -24.09 -26.65 1.85
C LEU A 3 -24.26 -25.16 2.11
N SER A 4 -24.71 -24.44 1.09
CA SER A 4 -24.99 -23.01 1.22
C SER A 4 -26.06 -22.76 2.29
N THR A 5 -27.03 -23.65 2.38
CA THR A 5 -28.06 -23.59 3.41
C THR A 5 -27.45 -23.76 4.81
N LEU A 6 -26.57 -24.74 4.94
CA LEU A 6 -25.90 -25.01 6.20
C LEU A 6 -25.09 -23.81 6.65
N ILE A 7 -24.26 -23.28 5.76
CA ILE A 7 -23.36 -22.19 6.09
C ILE A 7 -24.15 -20.93 6.44
N HIS A 8 -25.13 -20.61 5.62
CA HIS A 8 -25.97 -19.45 5.86
C HIS A 8 -26.73 -19.57 7.18
N GLN A 9 -27.26 -20.76 7.45
CA GLN A 9 -27.99 -21.04 8.69
C GLN A 9 -27.12 -20.86 9.93
N ARG A 10 -25.90 -21.36 9.88
CA ARG A 10 -24.95 -21.22 10.98
C ARG A 10 -24.57 -19.76 11.22
N MET A 11 -24.43 -19.00 10.14
CA MET A 11 -24.03 -17.60 10.23
C MET A 11 -25.03 -16.72 10.97
N GLN A 12 -26.32 -16.88 10.66
CA GLN A 12 -27.34 -16.10 11.34
C GLN A 12 -27.51 -16.56 12.79
N GLU A 13 -27.28 -17.84 13.03
CA GLU A 13 -27.29 -18.38 14.38
C GLU A 13 -26.12 -17.84 15.18
N ALA A 14 -24.95 -17.74 14.52
CA ALA A 14 -23.74 -17.20 15.14
C ALA A 14 -23.86 -15.69 15.35
N LYS A 15 -24.61 -15.03 14.46
CA LYS A 15 -24.86 -13.58 14.54
C LYS A 15 -23.65 -12.72 14.20
N VAL A 16 -22.68 -13.31 13.51
CA VAL A 16 -21.52 -12.56 13.05
C VAL A 16 -21.90 -11.66 11.88
N PRO A 17 -21.48 -10.38 11.94
CA PRO A 17 -21.74 -9.43 10.86
C PRO A 17 -21.18 -9.88 9.51
N ALA A 18 -19.95 -10.40 9.52
CA ALA A 18 -19.35 -10.91 8.29
C ALA A 18 -18.85 -12.35 8.45
N LEU A 19 -19.19 -13.19 7.48
CA LEU A 19 -18.67 -14.55 7.43
C LEU A 19 -18.07 -14.84 6.06
N SER A 20 -16.84 -15.33 6.05
CA SER A 20 -16.19 -15.75 4.82
C SER A 20 -15.78 -17.22 4.91
N VAL A 21 -16.29 -18.04 4.00
CA VAL A 21 -15.98 -19.47 4.00
C VAL A 21 -15.51 -19.96 2.64
N SER A 22 -14.46 -20.78 2.64
CA SER A 22 -14.00 -21.42 1.43
C SER A 22 -13.95 -22.92 1.65
N VAL A 23 -14.57 -23.68 0.75
CA VAL A 23 -14.56 -25.13 0.85
C VAL A 23 -14.09 -25.79 -0.44
N THR A 24 -13.00 -26.54 -0.35
CA THR A 24 -12.49 -27.28 -1.50
C THR A 24 -12.48 -28.78 -1.26
N ILE A 25 -13.08 -29.52 -2.18
CA ILE A 25 -13.08 -30.98 -2.11
C ILE A 25 -12.78 -31.57 -3.49
N LYS A 26 -11.72 -32.36 -3.57
CA LYS A 26 -11.37 -33.06 -4.81
C LYS A 26 -11.16 -32.07 -5.97
N GLY A 27 -10.52 -30.95 -5.66
CA GLY A 27 -10.19 -29.95 -6.67
C GLY A 27 -11.35 -29.06 -7.06
N VAL A 28 -12.46 -29.15 -6.33
CA VAL A 28 -13.62 -28.29 -6.55
C VAL A 28 -13.75 -27.32 -5.39
N ARG A 29 -13.88 -26.02 -5.69
CA ARG A 29 -13.95 -25.01 -4.64
C ARG A 29 -15.19 -24.12 -4.70
N GLN A 30 -15.90 -24.00 -3.59
CA GLN A 30 -16.98 -23.03 -3.48
C GLN A 30 -16.68 -22.02 -2.39
N ARG A 31 -17.02 -20.76 -2.65
CA ARG A 31 -16.79 -19.69 -1.69
C ARG A 31 -18.12 -19.17 -1.18
N PHE A 32 -18.14 -18.77 0.09
CA PHE A 32 -19.31 -18.17 0.70
C PHE A 32 -18.88 -16.89 1.42
N VAL A 33 -19.25 -15.75 0.84
CA VAL A 33 -18.92 -14.44 1.41
C VAL A 33 -20.21 -13.72 1.78
N TYR A 34 -20.44 -13.52 3.07
CA TYR A 34 -21.69 -12.96 3.54
C TYR A 34 -21.48 -11.76 4.47
N GLY A 35 -22.52 -10.95 4.62
CA GLY A 35 -22.55 -9.88 5.60
C GLY A 35 -21.76 -8.61 5.32
N VAL A 36 -21.50 -7.86 6.39
CA VAL A 36 -20.83 -6.57 6.27
C VAL A 36 -19.56 -6.52 7.12
N ALA A 37 -18.49 -6.00 6.54
CA ALA A 37 -17.23 -5.85 7.25
C ALA A 37 -17.34 -4.77 8.33
N ASP A 38 -18.02 -3.68 8.02
CA ASP A 38 -18.26 -2.61 9.00
C ASP A 38 -19.73 -2.26 9.04
N VAL A 39 -20.36 -2.45 10.19
CA VAL A 39 -21.81 -2.23 10.32
C VAL A 39 -22.19 -0.75 10.19
N ALA A 40 -21.45 0.12 10.86
CA ALA A 40 -21.78 1.54 10.89
C ALA A 40 -21.73 2.18 9.51
N SER A 41 -20.68 1.87 8.75
CA SER A 41 -20.50 2.45 7.43
C SER A 41 -21.12 1.60 6.33
N GLN A 42 -21.69 0.45 6.74
CA GLN A 42 -22.36 -0.47 5.82
C GLN A 42 -21.42 -0.99 4.72
N LYS A 43 -20.14 -1.16 5.03
CA LYS A 43 -19.21 -1.69 4.05
C LYS A 43 -19.36 -3.20 3.91
N ALA A 44 -19.64 -3.65 2.69
CA ALA A 44 -19.89 -5.07 2.43
C ALA A 44 -18.62 -5.91 2.58
N ASN A 45 -18.81 -7.12 3.11
CA ASN A 45 -17.76 -8.12 3.13
C ASN A 45 -17.41 -8.54 1.70
N THR A 46 -16.13 -8.48 1.37
CA THR A 46 -15.65 -8.86 0.04
C THR A 46 -14.44 -9.78 0.15
N LEU A 47 -13.97 -10.28 -1.00
CA LEU A 47 -12.80 -11.14 -1.06
C LEU A 47 -11.56 -10.43 -0.53
N ASP A 48 -11.56 -9.11 -0.64
CA ASP A 48 -10.46 -8.27 -0.17
C ASP A 48 -10.43 -8.09 1.34
N THR A 49 -11.52 -8.42 2.02
CA THR A 49 -11.62 -8.16 3.45
C THR A 49 -10.56 -8.90 4.28
N VAL A 50 -9.91 -8.17 5.17
CA VAL A 50 -8.85 -8.71 6.00
C VAL A 50 -9.37 -9.05 7.38
N TYR A 51 -8.99 -10.24 7.86
CA TYR A 51 -9.41 -10.72 9.17
C TYR A 51 -8.18 -11.04 10.00
N GLU A 52 -8.35 -11.04 11.32
CA GLU A 52 -7.31 -11.50 12.22
C GLU A 52 -7.51 -13.01 12.28
N LEU A 53 -6.42 -13.75 12.16
CA LEU A 53 -6.49 -15.20 12.20
C LEU A 53 -6.66 -15.76 13.60
N GLY A 54 -6.31 -14.98 14.61
CA GLY A 54 -6.32 -15.48 15.98
C GLY A 54 -5.35 -16.65 16.13
N SER A 55 -5.81 -17.72 16.78
CA SER A 55 -4.99 -18.90 17.04
C SER A 55 -4.54 -19.63 15.77
N MET A 56 -5.16 -19.30 14.64
CA MET A 56 -4.75 -19.89 13.38
C MET A 56 -3.40 -19.30 12.90
N SER A 57 -2.94 -18.29 13.64
CA SER A 57 -1.61 -17.71 13.46
C SER A 57 -0.52 -18.69 13.85
N LYS A 58 -0.85 -19.61 14.76
CA LYS A 58 0.13 -20.55 15.30
C LYS A 58 0.69 -21.50 14.26
N ALA A 59 -0.10 -21.87 13.27
CA ALA A 59 0.36 -22.72 12.17
C ALA A 59 1.46 -22.06 11.34
N PHE A 60 1.39 -20.74 11.17
CA PHE A 60 2.42 -20.00 10.46
C PHE A 60 3.69 -19.93 11.30
N THR A 61 3.52 -19.57 12.57
CA THR A 61 4.61 -19.59 13.54
C THR A 61 5.25 -20.98 13.67
N GLY A 62 4.42 -22.01 13.78
CA GLY A 62 4.90 -23.37 13.94
C GLY A 62 5.64 -23.89 12.72
N LEU A 63 5.13 -23.55 11.54
CA LEU A 63 5.77 -23.94 10.29
C LEU A 63 7.15 -23.31 10.15
N VAL A 64 7.28 -22.05 10.54
CA VAL A 64 8.56 -21.35 10.46
C VAL A 64 9.59 -21.99 11.40
N VAL A 65 9.15 -22.36 12.59
CA VAL A 65 10.01 -23.10 13.52
C VAL A 65 10.50 -24.39 12.89
N GLN A 66 9.60 -25.10 12.20
CA GLN A 66 9.95 -26.35 11.54
C GLN A 66 10.89 -26.11 10.36
N ILE A 67 10.76 -24.96 9.73
CA ILE A 67 11.67 -24.58 8.64
C ILE A 67 13.07 -24.36 9.17
N LEU A 68 13.18 -23.67 10.30
CA LEU A 68 14.47 -23.48 10.96
C LEU A 68 15.03 -24.82 11.42
N ILE A 69 14.18 -25.68 11.97
CA ILE A 69 14.60 -27.03 12.38
C ILE A 69 15.06 -27.85 11.18
N GLN A 70 14.31 -27.76 10.08
CA GLN A 70 14.66 -28.46 8.86
C GLN A 70 16.04 -28.01 8.34
N GLU A 71 16.35 -26.73 8.54
CA GLU A 71 17.61 -26.16 8.08
C GLU A 71 18.77 -26.44 9.03
N GLY A 72 18.46 -26.99 10.19
CA GLY A 72 19.49 -27.31 11.18
C GLY A 72 19.85 -26.13 12.05
N ARG A 73 19.15 -25.02 11.84
CA ARG A 73 19.36 -23.82 12.65
C ARG A 73 18.80 -23.98 14.05
N LEU A 74 17.81 -24.85 14.19
CA LEU A 74 17.13 -25.03 15.46
C LEU A 74 16.80 -26.51 15.68
N ARG A 75 16.58 -26.89 16.93
CA ARG A 75 16.11 -28.23 17.27
C ARG A 75 15.08 -28.18 18.39
N GLN A 76 14.14 -29.14 18.37
CA GLN A 76 13.09 -29.21 19.39
C GLN A 76 13.67 -29.42 20.77
N GLY A 77 14.77 -30.16 20.84
CA GLY A 77 15.43 -30.47 22.10
C GLY A 77 16.17 -29.32 22.73
N ASP A 78 16.50 -28.30 21.93
CA ASP A 78 17.29 -27.16 22.40
C ASP A 78 16.65 -26.46 23.59
N ASP A 79 17.48 -26.14 24.57
CA ASP A 79 17.03 -25.42 25.75
C ASP A 79 16.55 -24.02 25.38
N ILE A 80 15.49 -23.59 26.04
CA ILE A 80 14.89 -22.29 25.77
C ILE A 80 15.83 -21.16 26.21
N ILE A 81 16.69 -21.47 27.18
CA ILE A 81 17.56 -20.49 27.83
C ILE A 81 18.51 -19.77 26.88
N THR A 82 19.02 -20.47 25.86
CA THR A 82 19.96 -19.85 24.94
C THR A 82 19.28 -18.78 24.09
N TYR A 83 18.03 -19.04 23.71
CA TYR A 83 17.28 -18.09 22.90
C TYR A 83 16.62 -16.99 23.73
N LEU A 84 16.17 -17.33 24.92
CA LEU A 84 15.61 -16.35 25.86
C LEU A 84 16.29 -16.45 27.21
N PRO A 85 17.50 -15.87 27.32
CA PRO A 85 18.33 -15.99 28.52
C PRO A 85 17.67 -15.40 29.76
N GLU A 86 16.95 -14.30 29.57
CA GLU A 86 16.32 -13.60 30.68
C GLU A 86 15.14 -14.37 31.30
N MET A 87 14.46 -15.16 30.48
CA MET A 87 13.25 -15.85 30.95
C MET A 87 13.53 -17.02 31.88
N ARG A 88 13.14 -16.88 33.13
CA ARG A 88 13.28 -17.96 34.11
C ARG A 88 11.90 -18.38 34.60
N LEU A 89 11.64 -19.67 34.52
CA LEU A 89 10.36 -20.22 34.90
C LEU A 89 10.54 -21.19 36.06
N ASN A 90 9.58 -21.17 36.99
CA ASN A 90 9.70 -21.99 38.19
C ASN A 90 8.55 -22.98 38.37
N TYR A 91 8.89 -24.23 38.62
CA TYR A 91 7.91 -25.21 39.04
C TYR A 91 8.21 -25.57 40.48
N GLN A 92 7.25 -25.36 41.37
CA GLN A 92 7.45 -25.57 42.79
C GLN A 92 8.64 -24.74 43.27
N GLY A 93 9.43 -25.30 44.17
CA GLY A 93 10.58 -24.58 44.73
C GLY A 93 11.65 -24.13 43.75
N LYS A 94 12.00 -24.95 42.77
CA LYS A 94 13.09 -24.62 41.90
C LYS A 94 12.70 -24.28 40.47
N PRO A 95 13.57 -23.60 39.78
CA PRO A 95 13.30 -23.16 38.42
C PRO A 95 13.27 -24.34 37.47
N ALA A 96 12.23 -24.41 36.63
CA ALA A 96 12.07 -25.52 35.70
C ALA A 96 13.01 -25.41 34.51
N SER A 97 13.27 -26.55 33.88
CA SER A 97 14.09 -26.61 32.68
C SER A 97 13.18 -26.79 31.48
N LEU A 98 13.28 -25.89 30.50
CA LEU A 98 12.36 -25.91 29.35
C LEU A 98 13.06 -26.01 27.99
N THR A 99 12.32 -26.51 27.01
CA THR A 99 12.82 -26.70 25.65
C THR A 99 11.89 -26.08 24.63
N VAL A 100 12.36 -25.98 23.38
CA VAL A 100 11.57 -25.47 22.28
C VAL A 100 10.32 -26.30 22.07
N ALA A 101 10.46 -27.61 22.25
CA ALA A 101 9.36 -28.56 22.11
C ALA A 101 8.22 -28.29 23.08
N ASP A 102 8.55 -27.90 24.30
CA ASP A 102 7.52 -27.64 25.31
C ASP A 102 6.56 -26.55 24.89
N PHE A 103 7.08 -25.50 24.25
CA PHE A 103 6.25 -24.41 23.76
C PHE A 103 5.50 -24.76 22.48
N LEU A 104 6.15 -25.49 21.58
CA LEU A 104 5.51 -25.98 20.37
C LEU A 104 4.29 -26.85 20.65
N TYR A 105 4.40 -27.70 21.66
CA TYR A 105 3.39 -28.73 21.92
C TYR A 105 2.55 -28.45 23.14
N HIS A 106 2.72 -27.24 23.69
CA HIS A 106 1.97 -26.80 24.86
C HIS A 106 2.17 -27.74 26.04
N THR A 107 3.41 -28.11 26.31
CA THR A 107 3.73 -28.88 27.49
C THR A 107 4.55 -28.04 28.47
N SER A 108 4.48 -26.72 28.31
CA SER A 108 5.33 -25.81 29.08
C SER A 108 4.81 -25.63 30.51
N GLY A 109 3.49 -25.67 30.66
CA GLY A 109 2.87 -25.49 31.98
C GLY A 109 2.62 -24.05 32.36
N LEU A 110 2.76 -23.15 31.38
CA LEU A 110 2.49 -21.73 31.60
C LEU A 110 1.05 -21.47 32.07
N PRO A 111 0.89 -20.59 33.07
CA PRO A 111 -0.41 -20.22 33.62
C PRO A 111 -1.38 -19.60 32.61
N PHE A 112 -2.66 -19.65 32.92
CA PHE A 112 -3.70 -19.05 32.10
C PHE A 112 -3.62 -17.53 32.15
N SER A 113 -3.04 -17.03 33.24
CA SER A 113 -2.85 -15.60 33.44
C SER A 113 -1.96 -14.98 32.37
N THR A 114 -1.19 -15.82 31.69
CA THR A 114 -0.21 -15.37 30.70
C THR A 114 -0.86 -14.78 29.44
N LEU A 115 -2.05 -15.25 29.10
CA LEU A 115 -2.75 -14.74 27.93
C LEU A 115 -3.06 -13.26 28.07
N ALA A 116 -3.65 -12.89 29.21
CA ALA A 116 -3.97 -11.49 29.50
C ALA A 116 -2.73 -10.62 29.53
N ARG A 117 -1.63 -11.17 30.05
CA ARG A 117 -0.37 -10.43 30.14
C ARG A 117 0.23 -10.21 28.76
N LEU A 118 0.24 -11.25 27.93
CA LEU A 118 0.76 -11.16 26.57
C LEU A 118 -0.09 -10.27 25.65
N GLU A 119 -1.40 -10.38 25.78
CA GLU A 119 -2.29 -9.60 24.91
C GLU A 119 -2.30 -8.11 25.28
N ASN A 120 -2.08 -7.81 26.57
CA ASN A 120 -1.91 -6.42 26.98
C ASN A 120 -0.71 -5.81 26.28
N PRO A 121 -0.92 -4.70 25.56
CA PRO A 121 0.19 -4.02 24.89
C PRO A 121 1.13 -3.36 25.90
N MET A 122 2.40 -3.74 25.84
CA MET A 122 3.43 -3.10 26.64
C MET A 122 4.35 -2.33 25.71
N PRO A 123 4.34 -0.99 25.83
CA PRO A 123 5.25 -0.14 25.07
C PRO A 123 6.68 -0.66 25.09
N GLY A 124 7.16 -1.07 26.26
CA GLY A 124 8.52 -1.58 26.40
C GLY A 124 8.60 -2.82 27.27
N SER A 125 8.67 -3.98 26.62
CA SER A 125 8.82 -5.25 27.33
C SER A 125 8.98 -6.42 26.36
N ALA A 126 9.97 -7.27 26.64
CA ALA A 126 10.20 -8.49 25.88
C ALA A 126 9.44 -9.64 26.51
N VAL A 127 9.12 -10.67 25.73
CA VAL A 127 8.33 -11.80 26.23
C VAL A 127 9.04 -12.53 27.37
N ALA A 128 10.36 -12.68 27.25
CA ALA A 128 11.15 -13.36 28.27
C ALA A 128 11.11 -12.61 29.60
N GLN A 129 11.32 -11.30 29.54
CA GLN A 129 11.20 -10.43 30.70
C GLN A 129 9.75 -10.43 31.19
N GLN A 130 8.83 -10.48 30.24
CA GLN A 130 7.40 -10.48 30.53
C GLN A 130 6.95 -11.74 31.27
N LEU A 131 7.55 -12.87 30.95
CA LEU A 131 7.16 -14.15 31.53
C LEU A 131 8.08 -14.60 32.67
N ARG A 132 9.05 -13.76 33.00
CA ARG A 132 10.03 -14.10 34.03
C ARG A 132 9.38 -14.32 35.40
N ASN A 133 9.87 -15.32 36.12
CA ASN A 133 9.41 -15.63 37.47
C ASN A 133 7.98 -16.17 37.53
N GLU A 134 7.52 -16.70 36.40
CA GLU A 134 6.19 -17.30 36.33
C GLU A 134 6.21 -18.70 36.94
N ASN A 135 5.11 -19.08 37.60
CA ASN A 135 5.03 -20.39 38.23
C ASN A 135 4.24 -21.38 37.39
N LEU A 136 4.89 -22.48 37.03
CA LEU A 136 4.29 -23.50 36.17
C LEU A 136 3.24 -24.35 36.89
N LEU A 137 2.17 -24.67 36.17
CA LEU A 137 1.11 -25.54 36.67
C LEU A 137 1.63 -26.96 36.89
N PHE A 138 2.54 -27.39 36.02
CA PHE A 138 3.11 -28.73 36.07
C PHE A 138 4.54 -28.69 35.57
N ALA A 139 5.27 -29.80 35.76
CA ALA A 139 6.62 -29.92 35.24
C ALA A 139 6.59 -29.96 33.71
N PRO A 140 7.50 -29.24 33.06
CA PRO A 140 7.54 -29.21 31.60
C PRO A 140 7.50 -30.60 30.98
N GLY A 141 6.57 -30.80 30.04
CA GLY A 141 6.46 -32.07 29.34
C GLY A 141 5.54 -33.07 30.00
N ALA A 142 5.09 -32.76 31.22
CA ALA A 142 4.24 -33.68 31.98
C ALA A 142 2.84 -33.81 31.37
N LYS A 143 2.26 -32.68 30.97
CA LYS A 143 0.91 -32.67 30.41
C LYS A 143 0.78 -31.75 29.22
N PHE A 144 -0.30 -31.92 28.47
CA PHE A 144 -0.67 -30.98 27.43
C PHE A 144 -1.68 -29.99 28.02
N SER A 145 -1.28 -28.73 28.13
CA SER A 145 -2.21 -27.68 28.53
C SER A 145 -2.05 -26.53 27.55
N TYR A 146 -3.11 -26.22 26.83
CA TYR A 146 -3.07 -25.21 25.79
C TYR A 146 -2.96 -23.79 26.34
N ALA A 147 -1.84 -23.13 26.02
CA ALA A 147 -1.64 -21.75 26.41
C ALA A 147 -1.20 -20.94 25.20
N SER A 148 -1.94 -19.89 24.89
CA SER A 148 -1.65 -19.07 23.72
C SER A 148 -0.25 -18.43 23.79
N ALA A 149 0.24 -18.21 25.01
CA ALA A 149 1.54 -17.57 25.23
C ALA A 149 2.74 -18.39 24.74
N ASN A 150 2.57 -19.71 24.62
CA ASN A 150 3.64 -20.58 24.17
C ASN A 150 4.18 -20.20 22.79
N TYR A 151 3.28 -19.83 21.89
CA TYR A 151 3.68 -19.48 20.53
C TYR A 151 4.23 -18.06 20.41
N ASP A 152 4.00 -17.27 21.45
CA ASP A 152 4.63 -15.95 21.56
C ASP A 152 6.10 -16.11 21.94
N VAL A 153 6.39 -17.11 22.77
CA VAL A 153 7.76 -17.52 23.08
C VAL A 153 8.47 -17.98 21.80
N LEU A 154 7.76 -18.75 20.98
CA LEU A 154 8.31 -19.23 19.72
C LEU A 154 8.62 -18.10 18.75
N GLY A 155 7.80 -17.05 18.78
CA GLY A 155 8.07 -15.87 17.96
C GLY A 155 9.40 -15.24 18.34
N ALA A 156 9.64 -15.13 19.64
CA ALA A 156 10.89 -14.60 20.18
C ALA A 156 12.09 -15.48 19.80
N VAL A 157 11.91 -16.80 19.85
CA VAL A 157 12.94 -17.72 19.41
C VAL A 157 13.28 -17.52 17.93
N ILE A 158 12.25 -17.39 17.10
CA ILE A 158 12.44 -17.16 15.67
C ILE A 158 13.22 -15.87 15.41
N GLU A 159 12.88 -14.82 16.14
CA GLU A 159 13.60 -13.56 16.04
C GLU A 159 15.07 -13.71 16.48
N ASN A 160 15.27 -14.42 17.59
CA ASN A 160 16.61 -14.63 18.12
C ASN A 160 17.52 -15.41 17.18
N VAL A 161 16.98 -16.48 16.59
CA VAL A 161 17.74 -17.30 15.65
C VAL A 161 18.03 -16.57 14.34
N THR A 162 17.03 -15.89 13.80
CA THR A 162 17.16 -15.24 12.50
C THR A 162 17.89 -13.89 12.56
N GLY A 163 17.76 -13.19 13.68
CA GLY A 163 18.28 -11.83 13.79
C GLY A 163 17.38 -10.83 13.08
N LYS A 164 16.16 -11.26 12.77
CA LYS A 164 15.20 -10.44 12.03
C LYS A 164 13.92 -10.31 12.82
N THR A 165 13.06 -9.37 12.43
CA THR A 165 11.75 -9.25 13.06
C THR A 165 10.84 -10.38 12.60
N PHE A 166 9.82 -10.67 13.40
CA PHE A 166 8.87 -11.73 13.10
C PHE A 166 8.16 -11.49 11.76
N THR A 167 7.77 -10.25 11.52
CA THR A 167 7.11 -9.88 10.27
C THR A 167 8.00 -10.14 9.06
N GLU A 168 9.28 -9.81 9.20
CA GLU A 168 10.23 -10.00 8.12
C GLU A 168 10.42 -11.49 7.81
N VAL A 169 10.56 -12.30 8.86
CA VAL A 169 10.74 -13.74 8.70
C VAL A 169 9.50 -14.37 8.07
N ILE A 170 8.32 -13.98 8.55
CA ILE A 170 7.07 -14.48 7.99
C ILE A 170 6.97 -14.16 6.50
N ALA A 171 7.36 -12.94 6.14
CA ALA A 171 7.28 -12.51 4.75
C ALA A 171 8.30 -13.25 3.88
N GLU A 172 9.55 -13.28 4.35
CA GLU A 172 10.63 -13.93 3.60
C GLU A 172 10.47 -15.44 3.50
N ARG A 173 10.18 -16.11 4.62
CA ARG A 173 10.05 -17.57 4.61
C ARG A 173 8.72 -18.10 4.08
N LEU A 174 7.63 -17.38 4.32
CA LEU A 174 6.30 -17.95 4.04
C LEU A 174 5.46 -17.24 2.99
N THR A 175 5.03 -16.01 3.25
CA THR A 175 4.04 -15.37 2.40
C THR A 175 4.54 -15.02 1.00
N GLN A 176 5.78 -14.57 0.89
CA GLN A 176 6.34 -14.27 -0.43
C GLN A 176 6.58 -15.52 -1.28
N PRO A 177 7.21 -16.55 -0.70
CA PRO A 177 7.39 -17.80 -1.45
C PRO A 177 6.05 -18.41 -1.84
N LEU A 178 5.07 -18.36 -0.94
CA LEU A 178 3.75 -18.92 -1.18
C LEU A 178 2.87 -18.02 -2.04
N GLY A 179 3.32 -16.79 -2.27
CA GLY A 179 2.57 -15.84 -3.09
C GLY A 179 1.30 -15.30 -2.45
N MET A 180 1.30 -15.20 -1.12
CA MET A 180 0.16 -14.63 -0.40
C MET A 180 0.34 -13.14 -0.21
N SER A 181 -0.22 -12.36 -1.13
CA SER A 181 -0.05 -10.90 -1.13
C SER A 181 -0.68 -10.18 0.06
N ALA A 182 -1.83 -10.65 0.54
CA ALA A 182 -2.58 -9.93 1.56
C ALA A 182 -2.25 -10.36 3.00
N THR A 183 -1.47 -11.42 3.15
CA THR A 183 -1.17 -11.94 4.48
C THR A 183 0.02 -11.23 5.11
N VAL A 184 -0.14 -10.78 6.34
CA VAL A 184 0.93 -10.05 7.01
C VAL A 184 0.88 -10.24 8.52
N ALA A 185 2.05 -10.27 9.14
CA ALA A 185 2.15 -10.25 10.58
C ALA A 185 2.33 -8.79 11.00
N VAL A 186 1.32 -8.24 11.67
CA VAL A 186 1.34 -6.82 12.01
C VAL A 186 2.44 -6.48 13.02
N LYS A 187 3.09 -5.33 12.82
CA LYS A 187 4.12 -4.86 13.73
C LYS A 187 3.50 -4.32 15.00
N GLY A 188 2.26 -3.86 14.90
CA GLY A 188 1.57 -3.28 16.04
C GLY A 188 0.34 -2.52 15.59
N ASP A 189 0.25 -1.26 15.98
CA ASP A 189 -0.88 -0.42 15.59
C ASP A 189 -0.56 0.34 14.32
N GLU A 190 -0.66 -0.34 13.18
CA GLU A 190 -0.54 0.31 11.89
C GLU A 190 -1.81 0.00 11.12
N ILE A 191 -2.43 1.01 10.53
CA ILE A 191 -3.71 0.80 9.89
C ILE A 191 -3.57 -0.16 8.72
N ILE A 192 -4.54 -1.07 8.59
CA ILE A 192 -4.53 -2.02 7.49
C ILE A 192 -5.70 -1.77 6.58
N VAL A 193 -5.42 -1.54 5.30
CA VAL A 193 -6.48 -1.31 4.34
C VAL A 193 -7.31 -2.58 4.16
N ASN A 194 -8.63 -2.41 4.14
CA ASN A 194 -9.55 -3.51 3.86
C ASN A 194 -9.84 -4.37 5.06
N LYS A 195 -9.22 -4.06 6.20
CA LYS A 195 -9.47 -4.84 7.40
C LYS A 195 -10.90 -4.65 7.92
N ALA A 196 -11.57 -5.77 8.19
CA ALA A 196 -12.92 -5.76 8.75
C ALA A 196 -12.90 -5.16 10.16
N SER A 197 -13.99 -4.51 10.55
CA SER A 197 -14.15 -4.10 11.94
C SER A 197 -14.42 -5.34 12.78
N GLY A 198 -13.98 -5.33 14.02
CA GLY A 198 -14.17 -6.46 14.92
C GLY A 198 -15.27 -6.18 15.94
N TYR A 199 -16.12 -7.17 16.16
CA TYR A 199 -17.24 -7.01 17.06
C TYR A 199 -17.17 -8.02 18.19
N LYS A 200 -17.54 -7.59 19.38
CA LYS A 200 -17.56 -8.46 20.53
C LYS A 200 -19.01 -8.71 20.88
N LEU A 201 -19.41 -9.97 20.90
CA LEU A 201 -20.80 -10.32 21.15
C LEU A 201 -21.24 -9.97 22.57
N GLY A 202 -22.48 -9.51 22.69
CA GLY A 202 -23.08 -9.32 24.00
C GLY A 202 -23.02 -7.88 24.45
N PHE A 203 -24.17 -7.34 24.83
CA PHE A 203 -25.41 -8.11 24.71
C PHE A 203 -25.80 -8.18 23.23
N GLY A 204 -25.56 -7.08 22.52
CA GLY A 204 -25.65 -7.06 21.06
C GLY A 204 -24.24 -6.83 20.55
N LYS A 205 -24.03 -6.98 19.24
CA LYS A 205 -22.68 -6.87 18.68
C LYS A 205 -22.15 -5.44 18.62
N PRO A 206 -21.36 -5.02 19.63
CA PRO A 206 -20.70 -3.73 19.65
C PRO A 206 -19.23 -3.83 19.22
N VAL A 207 -18.70 -2.76 18.62
CA VAL A 207 -17.35 -2.77 18.06
C VAL A 207 -16.23 -2.50 19.09
N LEU A 208 -15.21 -3.36 19.08
CA LEU A 208 -14.01 -3.17 19.87
C LEU A 208 -12.78 -3.14 18.96
N PHE A 209 -13.00 -2.75 17.71
CA PHE A 209 -12.02 -2.83 16.64
C PHE A 209 -10.65 -2.14 16.76
N HIS A 210 -10.60 -0.84 17.06
CA HIS A 210 -9.31 -0.14 17.01
C HIS A 210 -8.70 0.35 18.34
N ALA A 211 -7.77 -0.47 18.83
CA ALA A 211 -6.93 -0.20 19.97
C ALA A 211 -5.66 -0.93 19.57
N PRO A 212 -4.48 -0.41 19.98
CA PRO A 212 -3.24 -1.05 19.55
C PRO A 212 -3.20 -2.53 19.92
N LEU A 213 -2.77 -3.35 18.96
CA LEU A 213 -2.53 -4.77 19.20
C LEU A 213 -1.11 -4.93 19.75
N ALA A 214 -0.96 -5.79 20.75
CA ALA A 214 0.36 -6.08 21.32
C ALA A 214 1.26 -6.79 20.32
N ARG A 215 2.45 -6.24 20.10
CA ARG A 215 3.42 -6.79 19.16
C ARG A 215 3.89 -8.19 19.54
N ASN A 216 4.11 -8.41 20.84
CA ASN A 216 4.57 -9.70 21.35
C ASN A 216 3.60 -10.83 21.09
N HIS A 217 2.31 -10.50 21.05
CA HIS A 217 1.25 -11.49 20.95
C HIS A 217 0.87 -11.86 19.51
N VAL A 218 1.54 -11.24 18.54
CA VAL A 218 1.21 -11.43 17.13
C VAL A 218 1.41 -12.86 16.61
N PRO A 219 2.51 -13.52 16.99
CA PRO A 219 2.76 -14.91 16.54
C PRO A 219 1.67 -15.90 16.96
N ALA A 220 1.04 -15.65 18.10
CA ALA A 220 -0.05 -16.50 18.57
C ALA A 220 -1.42 -16.08 18.01
N ALA A 221 -1.67 -14.80 17.86
CA ALA A 221 -3.01 -14.32 17.54
C ALA A 221 -3.23 -13.26 16.45
N TYR A 222 -2.20 -12.49 16.08
CA TYR A 222 -2.45 -11.34 15.20
C TYR A 222 -1.99 -11.36 13.75
N ILE A 223 -1.75 -12.55 13.20
CA ILE A 223 -1.51 -12.61 11.76
C ILE A 223 -2.79 -12.26 11.02
N HIS A 224 -2.67 -11.47 9.96
CA HIS A 224 -3.83 -10.98 9.23
C HIS A 224 -3.87 -11.61 7.83
N SER A 225 -5.05 -12.01 7.39
CA SER A 225 -5.18 -12.59 6.06
C SER A 225 -6.55 -12.38 5.42
N THR A 226 -6.67 -12.84 4.17
CA THR A 226 -7.93 -12.79 3.44
C THR A 226 -8.33 -14.21 3.09
N LEU A 227 -9.55 -14.39 2.60
CA LEU A 227 -10.03 -15.70 2.18
C LEU A 227 -9.20 -16.29 1.03
N PRO A 228 -8.96 -15.51 -0.03
CA PRO A 228 -8.12 -16.00 -1.12
C PRO A 228 -6.70 -16.40 -0.68
N ASP A 229 -6.11 -15.64 0.24
CA ASP A 229 -4.81 -16.00 0.77
C ASP A 229 -4.85 -17.31 1.58
N MET A 230 -5.94 -17.53 2.31
CA MET A 230 -6.08 -18.74 3.11
C MET A 230 -6.33 -19.95 2.22
N GLU A 231 -6.93 -19.72 1.06
CA GLU A 231 -7.09 -20.76 0.04
C GLU A 231 -5.72 -21.20 -0.48
N ILE A 232 -4.83 -20.24 -0.69
CA ILE A 232 -3.49 -20.53 -1.14
C ILE A 232 -2.75 -21.31 -0.05
N TRP A 233 -2.97 -20.89 1.19
CA TRP A 233 -2.43 -21.56 2.37
C TRP A 233 -2.89 -23.01 2.42
N ILE A 234 -4.19 -23.24 2.29
CA ILE A 234 -4.75 -24.59 2.28
C ILE A 234 -4.19 -25.43 1.11
N ASP A 235 -4.10 -24.81 -0.06
CA ASP A 235 -3.60 -25.52 -1.24
C ASP A 235 -2.15 -25.96 -1.10
N ALA A 236 -1.34 -25.13 -0.46
CA ALA A 236 0.06 -25.45 -0.23
C ALA A 236 0.22 -26.65 0.69
N TRP A 237 -0.58 -26.71 1.76
CA TRP A 237 -0.56 -27.84 2.67
C TRP A 237 -1.03 -29.13 2.00
N LEU A 238 -2.09 -29.03 1.20
CA LEU A 238 -2.65 -30.16 0.49
C LEU A 238 -1.72 -30.65 -0.63
N HIS A 239 -0.98 -29.72 -1.23
CA HIS A 239 -0.06 -30.05 -2.31
C HIS A 239 1.38 -29.82 -1.89
N ARG A 240 1.68 -30.15 -0.62
CA ARG A 240 2.98 -29.89 -0.02
C ARG A 240 4.13 -30.58 -0.75
N LYS A 241 3.83 -31.70 -1.40
CA LYS A 241 4.84 -32.47 -2.13
C LYS A 241 5.37 -31.73 -3.36
N ALA A 242 4.57 -30.81 -3.89
CA ALA A 242 4.96 -30.02 -5.05
C ALA A 242 6.01 -28.96 -4.71
N LEU A 243 6.08 -28.61 -3.43
CA LEU A 243 6.93 -27.50 -2.97
C LEU A 243 8.43 -27.86 -2.87
N PRO A 244 9.28 -26.84 -2.72
CA PRO A 244 10.71 -26.98 -2.46
C PRO A 244 10.96 -27.86 -1.23
N ALA A 245 12.06 -28.59 -1.23
CA ALA A 245 12.34 -29.62 -0.22
C ALA A 245 12.27 -29.13 1.22
N THR A 246 12.86 -27.98 1.52
CA THR A 246 12.86 -27.50 2.89
C THR A 246 11.44 -27.20 3.36
N LEU A 247 10.66 -26.58 2.49
CA LEU A 247 9.30 -26.21 2.83
C LEU A 247 8.43 -27.47 2.93
N ARG A 248 8.59 -28.36 1.97
CA ARG A 248 7.88 -29.63 1.95
C ARG A 248 8.16 -30.48 3.19
N GLU A 249 9.44 -30.65 3.51
CA GLU A 249 9.83 -31.42 4.69
C GLU A 249 9.34 -30.78 5.97
N ALA A 250 9.41 -29.45 6.03
CA ALA A 250 8.96 -28.73 7.21
C ALA A 250 7.47 -28.95 7.45
N MET A 251 6.69 -28.96 6.37
CA MET A 251 5.26 -29.18 6.46
C MET A 251 4.88 -30.55 7.04
N SER A 252 5.59 -31.59 6.60
CA SER A 252 5.36 -32.94 7.10
C SER A 252 5.69 -33.03 8.58
N ASN A 253 6.77 -32.37 8.97
CA ASN A 253 7.17 -32.34 10.38
C ASN A 253 6.20 -31.53 11.23
N SER A 254 5.55 -30.55 10.60
CA SER A 254 4.62 -29.68 11.30
C SER A 254 3.35 -30.41 11.69
N TRP A 255 3.02 -31.45 10.93
CA TRP A 255 1.82 -32.23 11.15
C TRP A 255 2.02 -33.42 12.10
N ARG A 256 3.26 -33.61 12.56
CA ARG A 256 3.57 -34.70 13.48
C ARG A 256 3.12 -34.33 14.90
N GLY A 257 2.20 -35.12 15.45
CA GLY A 257 1.63 -34.83 16.76
C GLY A 257 2.48 -35.33 17.91
N ASN A 258 2.46 -34.62 19.03
CA ASN A 258 3.18 -35.04 20.21
C ASN A 258 2.38 -36.06 21.02
N SER A 259 2.82 -37.31 21.01
CA SER A 259 2.10 -38.37 21.72
C SER A 259 2.62 -38.63 23.15
N ASP A 260 3.58 -37.83 23.59
CA ASP A 260 4.20 -38.05 24.89
C ASP A 260 3.52 -37.29 26.04
N VAL A 261 2.21 -37.12 25.93
CA VAL A 261 1.43 -36.50 26.99
C VAL A 261 0.23 -37.38 27.29
N PRO A 262 -0.30 -37.27 28.52
CA PRO A 262 -1.54 -37.94 28.93
C PRO A 262 -2.73 -37.54 28.06
N LEU A 263 -3.58 -38.52 27.76
CA LEU A 263 -4.76 -38.29 26.95
C LEU A 263 -6.01 -38.50 27.79
N ALA A 264 -7.04 -37.70 27.52
CA ALA A 264 -8.29 -37.84 28.26
C ALA A 264 -9.05 -39.05 27.75
N ALA A 265 -10.03 -39.50 28.53
CA ALA A 265 -10.83 -40.66 28.16
C ALA A 265 -11.61 -40.43 26.88
N ASP A 266 -12.14 -39.22 26.71
CA ASP A 266 -12.90 -38.88 25.52
C ASP A 266 -12.09 -38.13 24.47
N ASN A 267 -10.83 -37.84 24.77
CA ASN A 267 -10.00 -37.07 23.85
C ASN A 267 -8.56 -37.58 23.73
N ARG A 268 -8.29 -38.31 22.65
CA ARG A 268 -6.95 -38.83 22.41
C ARG A 268 -6.26 -38.09 21.26
N ILE A 269 -6.79 -36.92 20.95
CA ILE A 269 -6.25 -36.05 19.90
C ILE A 269 -4.89 -35.49 20.29
N LEU A 270 -4.02 -35.31 19.30
CA LEU A 270 -2.68 -34.80 19.54
C LEU A 270 -2.48 -33.40 19.01
N TYR A 271 -1.50 -32.70 19.56
CA TYR A 271 -1.12 -31.38 19.07
C TYR A 271 0.21 -31.46 18.32
N ALA A 272 0.24 -30.90 17.12
CA ALA A 272 1.46 -30.81 16.34
C ALA A 272 2.01 -29.37 16.43
N SER A 273 2.55 -28.85 15.33
CA SER A 273 3.08 -27.48 15.32
C SER A 273 2.01 -26.46 14.95
N GLY A 274 1.15 -26.12 15.90
CA GLY A 274 0.03 -25.23 15.66
C GLY A 274 -1.14 -25.91 14.99
N TRP A 275 -1.24 -27.22 15.15
CA TRP A 275 -2.35 -27.99 14.60
C TRP A 275 -2.81 -29.06 15.59
N PHE A 276 -4.07 -29.47 15.45
CA PHE A 276 -4.63 -30.58 16.21
C PHE A 276 -4.72 -31.69 15.17
N ILE A 277 -4.19 -32.87 15.52
CA ILE A 277 -4.23 -34.03 14.64
C ILE A 277 -5.17 -35.10 15.20
N ASP A 278 -6.21 -35.43 14.45
CA ASP A 278 -7.13 -36.46 14.83
C ASP A 278 -7.10 -37.57 13.78
N GLN A 279 -6.86 -38.80 14.22
CA GLN A 279 -6.90 -39.97 13.33
C GLN A 279 -8.31 -40.44 13.00
N ASN A 280 -9.27 -40.18 13.90
CA ASN A 280 -10.66 -40.62 13.70
C ASN A 280 -11.28 -40.02 12.44
N GLN A 281 -11.73 -40.89 11.54
CA GLN A 281 -12.21 -40.46 10.23
C GLN A 281 -11.19 -39.48 9.65
N GLY A 282 -9.92 -39.83 9.75
CA GLY A 282 -8.84 -38.93 9.40
C GLY A 282 -7.81 -39.52 8.46
N PRO A 283 -6.62 -38.91 8.40
CA PRO A 283 -6.23 -37.72 9.16
C PRO A 283 -7.15 -36.49 9.01
N TYR A 284 -7.50 -35.90 10.15
CA TYR A 284 -8.30 -34.69 10.21
C TYR A 284 -7.47 -33.66 10.97
N ILE A 285 -7.10 -32.60 10.27
CA ILE A 285 -6.16 -31.63 10.83
C ILE A 285 -6.82 -30.26 10.91
N SER A 286 -6.86 -29.71 12.12
CA SER A 286 -7.62 -28.50 12.35
C SER A 286 -7.08 -27.59 13.45
N HIS A 287 -7.55 -26.35 13.44
CA HIS A 287 -7.30 -25.41 14.50
C HIS A 287 -8.33 -24.29 14.40
N GLY A 288 -8.70 -23.74 15.56
CA GLY A 288 -9.62 -22.61 15.61
C GLY A 288 -8.87 -21.38 16.06
N GLY A 289 -9.36 -20.22 15.65
CA GLY A 289 -8.84 -18.96 16.13
C GLY A 289 -9.94 -18.22 16.85
N GLN A 290 -9.65 -17.79 18.08
CA GLN A 290 -10.63 -17.02 18.82
C GLN A 290 -9.97 -15.80 19.43
N ASN A 291 -10.41 -14.64 18.98
CA ASN A 291 -9.91 -13.38 19.50
C ASN A 291 -11.09 -12.65 20.10
N PRO A 292 -10.84 -11.57 20.84
CA PRO A 292 -11.97 -10.81 21.39
C PRO A 292 -12.97 -10.40 20.32
N ASN A 293 -12.48 -9.91 19.19
CA ASN A 293 -13.35 -9.39 18.14
C ASN A 293 -13.35 -10.20 16.84
N PHE A 294 -12.67 -11.35 16.83
CA PHE A 294 -12.62 -12.20 15.65
C PHE A 294 -12.65 -13.68 16.02
N SER A 295 -13.22 -14.49 15.15
CA SER A 295 -13.18 -15.95 15.29
C SER A 295 -12.98 -16.63 13.93
N SER A 296 -12.32 -17.78 13.92
CA SER A 296 -12.04 -18.50 12.68
C SER A 296 -11.81 -19.99 12.93
N CYS A 297 -11.95 -20.80 11.90
CA CYS A 297 -11.59 -22.22 11.96
C CYS A 297 -10.98 -22.67 10.65
N ILE A 298 -10.12 -23.68 10.73
CA ILE A 298 -9.57 -24.29 9.54
C ILE A 298 -9.53 -25.81 9.74
N ALA A 299 -9.90 -26.55 8.69
CA ALA A 299 -9.90 -27.99 8.75
C ALA A 299 -9.36 -28.56 7.45
N LEU A 300 -8.50 -29.56 7.57
CA LEU A 300 -7.97 -30.23 6.40
C LEU A 300 -8.13 -31.74 6.52
N ARG A 301 -8.63 -32.36 5.47
CA ARG A 301 -8.66 -33.80 5.37
C ARG A 301 -7.96 -34.17 4.07
N PRO A 302 -6.62 -34.27 4.11
CA PRO A 302 -5.72 -34.47 2.98
C PRO A 302 -6.04 -35.67 2.10
N ASP A 303 -6.48 -36.77 2.69
CA ASP A 303 -6.72 -38.00 1.94
C ASP A 303 -7.82 -37.84 0.89
N GLN A 304 -8.85 -37.03 1.20
CA GLN A 304 -9.87 -36.73 0.20
C GLN A 304 -9.69 -35.33 -0.39
N GLN A 305 -8.53 -34.72 -0.17
CA GLN A 305 -8.25 -33.39 -0.70
C GLN A 305 -9.28 -32.36 -0.23
N ILE A 306 -9.58 -32.39 1.06
CA ILE A 306 -10.58 -31.49 1.63
C ILE A 306 -9.91 -30.38 2.41
N GLY A 307 -10.25 -29.14 2.10
CA GLY A 307 -9.77 -27.99 2.83
C GLY A 307 -10.91 -27.03 3.11
N ILE A 308 -11.03 -26.64 4.38
CA ILE A 308 -12.13 -25.78 4.82
C ILE A 308 -11.57 -24.64 5.66
N VAL A 309 -11.99 -23.42 5.35
CA VAL A 309 -11.60 -22.26 6.15
C VAL A 309 -12.77 -21.30 6.32
N ALA A 310 -12.98 -20.83 7.54
CA ALA A 310 -14.01 -19.85 7.81
C ALA A 310 -13.42 -18.67 8.58
N LEU A 311 -13.80 -17.46 8.18
CA LEU A 311 -13.33 -16.23 8.84
C LEU A 311 -14.53 -15.37 9.21
N ALA A 312 -14.56 -14.91 10.45
CA ALA A 312 -15.65 -14.08 10.93
C ALA A 312 -15.11 -12.89 11.72
N ASN A 313 -15.84 -11.77 11.70
CA ASN A 313 -15.37 -10.57 12.39
C ASN A 313 -15.98 -10.38 13.78
N MET A 314 -16.51 -11.45 14.35
CA MET A 314 -16.96 -11.46 15.72
C MET A 314 -16.51 -12.75 16.39
N ASN A 315 -16.31 -12.72 17.69
CA ASN A 315 -15.97 -13.93 18.44
C ASN A 315 -17.20 -14.80 18.69
N SER A 316 -17.28 -15.93 18.01
CA SER A 316 -18.42 -16.84 18.16
C SER A 316 -17.96 -18.27 18.35
N ASN A 317 -18.53 -18.95 19.33
CA ASN A 317 -18.25 -20.35 19.57
C ASN A 317 -18.74 -21.23 18.42
N LEU A 318 -19.81 -20.80 17.76
CA LEU A 318 -20.36 -21.52 16.61
C LEU A 318 -19.40 -21.55 15.42
N ILE A 319 -18.61 -20.49 15.27
CA ILE A 319 -17.65 -20.42 14.17
C ILE A 319 -16.58 -21.50 14.31
N LEU A 320 -16.19 -21.78 15.55
CA LEU A 320 -15.22 -22.82 15.85
C LEU A 320 -15.71 -24.20 15.45
N GLN A 321 -17.01 -24.43 15.59
CA GLN A 321 -17.61 -25.69 15.24
C GLN A 321 -17.97 -25.75 13.75
N LEU A 322 -17.89 -24.61 13.07
CA LEU A 322 -18.37 -24.49 11.70
C LEU A 322 -17.64 -25.39 10.70
N CYS A 323 -16.33 -25.50 10.84
CA CYS A 323 -15.56 -26.37 9.95
C CYS A 323 -15.98 -27.83 10.12
N ALA A 324 -16.27 -28.23 11.37
CA ALA A 324 -16.74 -29.57 11.67
C ALA A 324 -18.11 -29.87 11.05
N ASP A 325 -19.00 -28.87 11.08
CA ASP A 325 -20.29 -29.00 10.40
C ASP A 325 -20.13 -29.24 8.90
N ILE A 326 -19.29 -28.43 8.27
CA ILE A 326 -19.02 -28.56 6.84
C ILE A 326 -18.38 -29.91 6.51
N ASP A 327 -17.43 -30.34 7.34
CA ASP A 327 -16.79 -31.64 7.14
C ASP A 327 -17.81 -32.78 7.23
N ASN A 328 -18.71 -32.69 8.22
CA ASN A 328 -19.79 -33.66 8.32
C ASN A 328 -20.62 -33.70 7.05
N TYR A 329 -20.98 -32.52 6.54
CA TYR A 329 -21.77 -32.45 5.31
C TYR A 329 -21.05 -33.11 4.13
N LEU A 330 -19.76 -32.85 4.00
CA LEU A 330 -18.96 -33.46 2.95
C LEU A 330 -18.82 -34.98 3.14
N ARG A 331 -18.60 -35.39 4.39
CA ARG A 331 -18.36 -36.80 4.68
C ARG A 331 -19.61 -37.65 4.55
N ILE A 332 -20.73 -37.19 5.14
CA ILE A 332 -21.94 -38.02 5.18
C ILE A 332 -23.22 -37.32 4.72
N GLY A 333 -23.11 -36.07 4.29
CA GLY A 333 -24.29 -35.31 3.86
C GLY A 333 -25.23 -34.94 4.99
N LYS A 334 -24.73 -34.96 6.21
CA LYS A 334 -25.53 -34.61 7.39
C LYS A 334 -24.77 -33.68 8.32
N TYR A 335 -25.51 -33.02 9.21
CA TYR A 335 -24.90 -32.21 10.26
C TYR A 335 -25.95 -31.92 11.34
N GLU B 1 -35.91 21.22 -4.12
CA GLU B 1 -36.95 20.55 -3.28
C GLU B 1 -36.38 19.30 -2.62
N ARG B 2 -35.48 18.62 -3.34
CA ARG B 2 -34.82 17.43 -2.81
C ARG B 2 -33.35 17.71 -2.57
N LEU B 3 -32.78 17.10 -1.53
CA LEU B 3 -31.38 17.31 -1.18
C LEU B 3 -30.46 16.88 -2.31
N SER B 4 -30.75 15.73 -2.90
CA SER B 4 -29.99 15.24 -4.05
C SER B 4 -30.06 16.24 -5.21
N THR B 5 -31.22 16.88 -5.37
CA THR B 5 -31.39 17.91 -6.40
C THR B 5 -30.49 19.12 -6.12
N LEU B 6 -30.46 19.54 -4.85
CA LEU B 6 -29.65 20.67 -4.44
C LEU B 6 -28.18 20.40 -4.69
N ILE B 7 -27.72 19.24 -4.24
CA ILE B 7 -26.30 18.90 -4.33
C ILE B 7 -25.88 18.77 -5.80
N HIS B 8 -26.69 18.06 -6.57
CA HIS B 8 -26.40 17.87 -7.98
C HIS B 8 -26.40 19.20 -8.74
N GLN B 9 -27.35 20.07 -8.41
CA GLN B 9 -27.47 21.38 -9.02
C GLN B 9 -26.25 22.26 -8.74
N ARG B 10 -25.78 22.24 -7.50
CA ARG B 10 -24.60 23.00 -7.11
C ARG B 10 -23.34 22.49 -7.79
N MET B 11 -23.25 21.17 -7.96
CA MET B 11 -22.08 20.57 -8.58
C MET B 11 -21.88 20.99 -10.04
N GLN B 12 -22.95 20.99 -10.82
CA GLN B 12 -22.83 21.38 -12.22
C GLN B 12 -22.60 22.88 -12.34
N GLU B 13 -23.14 23.64 -11.39
CA GLU B 13 -22.90 25.07 -11.33
C GLU B 13 -21.45 25.36 -10.96
N ALA B 14 -20.91 24.55 -10.04
CA ALA B 14 -19.51 24.66 -9.62
C ALA B 14 -18.55 24.17 -10.70
N LYS B 15 -19.04 23.22 -11.50
CA LYS B 15 -18.28 22.66 -12.63
C LYS B 15 -17.10 21.79 -12.22
N VAL B 16 -17.13 21.30 -10.98
CA VAL B 16 -16.10 20.38 -10.51
C VAL B 16 -16.29 19.01 -11.13
N PRO B 17 -15.20 18.42 -11.67
CA PRO B 17 -15.25 17.09 -12.24
C PRO B 17 -15.75 16.03 -11.26
N ALA B 18 -15.27 16.08 -10.01
CA ALA B 18 -15.71 15.13 -9.00
C ALA B 18 -16.23 15.84 -7.75
N LEU B 19 -17.39 15.42 -7.27
CA LEU B 19 -17.92 15.91 -6.01
C LEU B 19 -18.30 14.75 -5.10
N SER B 20 -17.81 14.77 -3.86
CA SER B 20 -18.19 13.78 -2.86
C SER B 20 -18.79 14.46 -1.65
N VAL B 21 -20.03 14.11 -1.32
CA VAL B 21 -20.72 14.70 -0.18
C VAL B 21 -21.31 13.65 0.75
N SER B 22 -21.14 13.86 2.05
CA SER B 22 -21.75 13.02 3.05
C SER B 22 -22.57 13.88 4.01
N VAL B 23 -23.83 13.51 4.22
CA VAL B 23 -24.68 14.26 5.13
C VAL B 23 -25.33 13.34 6.16
N THR B 24 -25.06 13.62 7.44
CA THR B 24 -25.68 12.86 8.51
C THR B 24 -26.50 13.76 9.43
N ILE B 25 -27.76 13.37 9.65
CA ILE B 25 -28.65 14.08 10.56
C ILE B 25 -29.40 13.08 11.43
N LYS B 26 -29.26 13.23 12.74
CA LYS B 26 -29.99 12.39 13.70
C LYS B 26 -29.74 10.90 13.47
N GLY B 27 -28.50 10.56 13.15
CA GLY B 27 -28.09 9.16 12.95
C GLY B 27 -28.48 8.59 11.59
N VAL B 28 -28.93 9.46 10.69
CA VAL B 28 -29.24 9.05 9.32
C VAL B 28 -28.22 9.65 8.36
N ARG B 29 -27.63 8.82 7.50
CA ARG B 29 -26.58 9.29 6.59
C ARG B 29 -26.88 9.02 5.11
N GLN B 30 -26.79 10.06 4.29
CA GLN B 30 -26.85 9.88 2.85
C GLN B 30 -25.53 10.34 2.21
N ARG B 31 -25.08 9.60 1.22
CA ARG B 31 -23.84 9.91 0.50
C ARG B 31 -24.16 10.32 -0.93
N PHE B 32 -23.38 11.27 -1.44
CA PHE B 32 -23.50 11.72 -2.82
C PHE B 32 -22.13 11.71 -3.47
N VAL B 33 -21.91 10.74 -4.35
CA VAL B 33 -20.64 10.60 -5.05
C VAL B 33 -20.87 10.80 -6.56
N TYR B 34 -20.33 11.89 -7.11
CA TYR B 34 -20.58 12.24 -8.48
C TYR B 34 -19.30 12.47 -9.28
N GLY B 35 -19.42 12.39 -10.61
CA GLY B 35 -18.33 12.77 -11.51
C GLY B 35 -17.16 11.84 -11.70
N VAL B 36 -16.06 12.39 -12.19
CA VAL B 36 -14.87 11.62 -12.49
C VAL B 36 -13.65 12.14 -11.73
N ALA B 37 -12.89 11.23 -11.14
CA ALA B 37 -11.64 11.60 -10.46
C ALA B 37 -10.57 12.07 -11.44
N ASP B 38 -10.46 11.39 -12.58
CA ASP B 38 -9.53 11.81 -13.64
C ASP B 38 -10.27 11.92 -14.96
N VAL B 39 -10.31 13.12 -15.54
CA VAL B 39 -11.04 13.36 -16.77
C VAL B 39 -10.43 12.64 -17.98
N ALA B 40 -9.11 12.74 -18.13
CA ALA B 40 -8.44 12.15 -19.29
C ALA B 40 -8.61 10.64 -19.37
N SER B 41 -8.44 9.95 -18.24
CA SER B 41 -8.53 8.50 -18.22
C SER B 41 -9.95 8.02 -17.91
N GLN B 42 -10.86 8.97 -17.70
CA GLN B 42 -12.27 8.68 -17.42
C GLN B 42 -12.46 7.84 -16.16
N LYS B 43 -11.59 7.98 -15.18
CA LYS B 43 -11.74 7.22 -13.95
C LYS B 43 -12.85 7.81 -13.08
N ALA B 44 -13.84 6.97 -12.75
CA ALA B 44 -14.99 7.41 -11.98
C ALA B 44 -14.62 7.74 -10.53
N ASN B 45 -15.26 8.78 -10.00
CA ASN B 45 -15.19 9.09 -8.59
C ASN B 45 -15.84 7.97 -7.78
N THR B 46 -15.12 7.45 -6.79
CA THR B 46 -15.63 6.38 -5.92
C THR B 46 -15.38 6.71 -4.45
N LEU B 47 -15.88 5.86 -3.56
CA LEU B 47 -15.66 6.01 -2.13
C LEU B 47 -14.19 5.96 -1.77
N ASP B 48 -13.42 5.25 -2.59
CA ASP B 48 -11.97 5.12 -2.42
C ASP B 48 -11.18 6.36 -2.80
N THR B 49 -11.79 7.28 -3.54
CA THR B 49 -11.07 8.44 -4.07
C THR B 49 -10.49 9.33 -2.97
N VAL B 50 -9.22 9.70 -3.13
CA VAL B 50 -8.51 10.49 -2.14
C VAL B 50 -8.46 11.95 -2.58
N TYR B 51 -8.72 12.85 -1.64
CA TYR B 51 -8.73 14.27 -1.91
C TYR B 51 -7.77 14.96 -0.95
N GLU B 52 -7.30 16.14 -1.34
CA GLU B 52 -6.54 16.98 -0.47
C GLU B 52 -7.58 17.74 0.34
N LEU B 53 -7.39 17.80 1.65
CA LEU B 53 -8.33 18.50 2.53
C LEU B 53 -8.16 20.02 2.47
N GLY B 54 -7.01 20.50 2.03
CA GLY B 54 -6.72 21.93 2.07
C GLY B 54 -6.77 22.43 3.51
N SER B 55 -7.45 23.56 3.72
CA SER B 55 -7.53 24.19 5.04
C SER B 55 -8.25 23.35 6.09
N MET B 56 -8.92 22.30 5.66
CA MET B 56 -9.58 21.40 6.59
C MET B 56 -8.55 20.51 7.30
N SER B 57 -7.30 20.62 6.86
CA SER B 57 -6.16 20.00 7.50
C SER B 57 -5.89 20.61 8.86
N LYS B 58 -6.26 21.88 9.02
CA LYS B 58 -5.97 22.63 10.24
C LYS B 58 -6.64 22.05 11.48
N ALA B 59 -7.82 21.45 11.30
CA ALA B 59 -8.53 20.82 12.41
C ALA B 59 -7.77 19.62 12.99
N PHE B 60 -7.07 18.89 12.13
CA PHE B 60 -6.25 17.76 12.56
C PHE B 60 -5.01 18.27 13.30
N THR B 61 -4.35 19.26 12.70
CA THR B 61 -3.23 19.95 13.32
C THR B 61 -3.61 20.60 14.66
N GLY B 62 -4.77 21.28 14.68
CA GLY B 62 -5.22 21.98 15.87
C GLY B 62 -5.59 21.03 16.99
N LEU B 63 -6.24 19.92 16.63
CA LEU B 63 -6.60 18.90 17.61
C LEU B 63 -5.36 18.28 18.26
N VAL B 64 -4.33 18.01 17.46
CA VAL B 64 -3.09 17.44 17.98
C VAL B 64 -2.42 18.39 18.98
N VAL B 65 -2.40 19.68 18.65
CA VAL B 65 -1.90 20.70 19.58
C VAL B 65 -2.66 20.66 20.91
N GLN B 66 -3.99 20.52 20.82
CA GLN B 66 -4.83 20.43 22.01
C GLN B 66 -4.58 19.14 22.79
N ILE B 67 -4.20 18.08 22.08
CA ILE B 67 -3.87 16.82 22.72
C ILE B 67 -2.57 16.97 23.52
N LEU B 68 -1.60 17.64 22.94
CA LEU B 68 -0.35 17.94 23.64
C LEU B 68 -0.61 18.87 24.83
N ILE B 69 -1.50 19.85 24.63
CA ILE B 69 -1.85 20.76 25.71
C ILE B 69 -2.60 20.01 26.83
N GLN B 70 -3.50 19.12 26.43
CA GLN B 70 -4.23 18.30 27.38
C GLN B 70 -3.28 17.44 28.21
N GLU B 71 -2.19 16.99 27.60
CA GLU B 71 -1.23 16.13 28.26
C GLU B 71 -0.23 16.90 29.11
N GLY B 72 -0.26 18.22 29.00
CA GLY B 72 0.64 19.08 29.78
C GLY B 72 1.98 19.26 29.12
N ARG B 73 2.12 18.69 27.92
CA ARG B 73 3.36 18.81 27.16
C ARG B 73 3.51 20.20 26.57
N LEU B 74 2.39 20.88 26.36
CA LEU B 74 2.38 22.18 25.71
C LEU B 74 1.35 23.09 26.36
N ARG B 75 1.51 24.40 26.20
CA ARG B 75 0.51 25.37 26.64
C ARG B 75 0.35 26.49 25.62
N GLN B 76 -0.85 27.04 25.53
CA GLN B 76 -1.15 28.13 24.60
C GLN B 76 -0.29 29.35 24.88
N GLY B 77 0.00 29.57 26.17
CA GLY B 77 0.77 30.72 26.60
C GLY B 77 2.25 30.63 26.28
N ASP B 78 2.75 29.42 26.05
CA ASP B 78 4.17 29.20 25.82
C ASP B 78 4.70 30.03 24.67
N ASP B 79 5.87 30.62 24.88
CA ASP B 79 6.55 31.40 23.86
C ASP B 79 6.94 30.52 22.67
N ILE B 80 6.79 31.07 21.47
CA ILE B 80 7.10 30.34 20.25
C ILE B 80 8.61 30.07 20.14
N ILE B 81 9.40 30.93 20.78
CA ILE B 81 10.86 30.91 20.67
C ILE B 81 11.51 29.59 21.11
N THR B 82 10.97 28.95 22.13
CA THR B 82 11.56 27.72 22.63
C THR B 82 11.41 26.60 21.60
N TYR B 83 10.28 26.57 20.90
CA TYR B 83 10.01 25.55 19.90
C TYR B 83 10.64 25.87 18.55
N LEU B 84 10.65 27.15 18.20
CA LEU B 84 11.30 27.60 16.96
C LEU B 84 12.29 28.74 17.26
N PRO B 85 13.47 28.39 17.78
CA PRO B 85 14.46 29.37 18.23
C PRO B 85 14.94 30.28 17.11
N GLU B 86 15.07 29.74 15.92
CA GLU B 86 15.58 30.50 14.77
C GLU B 86 14.60 31.56 14.27
N MET B 87 13.30 31.31 14.42
CA MET B 87 12.28 32.22 13.88
C MET B 87 12.15 33.52 14.66
N ARG B 88 12.52 34.62 14.03
CA ARG B 88 12.37 35.94 14.63
C ARG B 88 11.43 36.79 13.78
N LEU B 89 10.42 37.34 14.44
CA LEU B 89 9.39 38.12 13.75
C LEU B 89 9.42 39.55 14.27
N ASN B 90 9.22 40.51 13.37
CA ASN B 90 9.31 41.91 13.73
C ASN B 90 8.02 42.69 13.46
N TYR B 91 7.57 43.43 14.47
CA TYR B 91 6.51 44.39 14.30
C TYR B 91 7.11 45.77 14.47
N GLN B 92 7.00 46.60 13.43
CA GLN B 92 7.62 47.92 13.43
C GLN B 92 9.11 47.78 13.69
N GLY B 93 9.67 48.70 14.47
CA GLY B 93 11.10 48.69 14.75
C GLY B 93 11.65 47.46 15.45
N LYS B 94 10.93 46.96 16.43
CA LYS B 94 11.39 45.84 17.24
C LYS B 94 10.76 44.49 16.95
N PRO B 95 11.51 43.43 17.23
CA PRO B 95 11.00 42.08 17.02
C PRO B 95 9.84 41.85 17.98
N ALA B 96 8.77 41.25 17.48
CA ALA B 96 7.58 40.96 18.25
C ALA B 96 7.74 39.73 19.12
N SER B 97 6.92 39.64 20.16
CA SER B 97 6.89 38.48 21.05
C SER B 97 5.67 37.64 20.73
N LEU B 98 5.87 36.36 20.41
CA LEU B 98 4.77 35.49 19.98
C LEU B 98 4.56 34.23 20.81
N THR B 99 3.34 33.73 20.79
CA THR B 99 2.96 32.55 21.56
C THR B 99 2.29 31.51 20.67
N VAL B 100 2.15 30.30 21.20
CA VAL B 100 1.45 29.21 20.51
C VAL B 100 0.03 29.60 20.15
N ALA B 101 -0.61 30.33 21.06
CA ALA B 101 -1.99 30.79 20.87
C ALA B 101 -2.14 31.71 19.66
N ASP B 102 -1.14 32.54 19.41
CA ASP B 102 -1.23 33.48 18.29
C ASP B 102 -1.35 32.75 16.95
N PHE B 103 -0.64 31.65 16.80
CA PHE B 103 -0.71 30.85 15.58
C PHE B 103 -1.98 30.01 15.49
N LEU B 104 -2.40 29.46 16.63
CA LEU B 104 -3.65 28.71 16.71
C LEU B 104 -4.86 29.54 16.32
N TYR B 105 -4.87 30.80 16.73
CA TYR B 105 -6.05 31.64 16.60
C TYR B 105 -5.90 32.71 15.55
N HIS B 106 -4.80 32.63 14.79
CA HIS B 106 -4.51 33.57 13.71
C HIS B 106 -4.47 35.01 14.22
N THR B 107 -3.77 35.21 15.33
CA THR B 107 -3.53 36.55 15.84
C THR B 107 -2.04 36.90 15.71
N SER B 108 -1.34 36.18 14.85
CA SER B 108 0.13 36.32 14.73
C SER B 108 0.52 37.57 13.96
N GLY B 109 -0.29 37.92 12.97
CA GLY B 109 -0.01 39.10 12.15
C GLY B 109 0.89 38.81 10.95
N LEU B 110 1.13 37.53 10.68
CA LEU B 110 1.91 37.12 9.52
C LEU B 110 1.34 37.63 8.20
N PRO B 111 2.21 38.14 7.31
CA PRO B 111 1.84 38.65 6.00
C PRO B 111 1.15 37.62 5.08
N PHE B 112 0.43 38.13 4.10
CA PHE B 112 -0.24 37.29 3.11
C PHE B 112 0.78 36.65 2.19
N SER B 113 1.94 37.29 2.08
CA SER B 113 3.04 36.79 1.26
C SER B 113 3.55 35.42 1.74
N THR B 114 3.24 35.09 3.00
CA THR B 114 3.71 33.87 3.63
C THR B 114 3.11 32.59 3.02
N LEU B 115 1.89 32.69 2.51
CA LEU B 115 1.23 31.54 1.88
C LEU B 115 2.04 31.05 0.67
N ALA B 116 2.38 31.97 -0.22
CA ALA B 116 3.15 31.64 -1.41
C ALA B 116 4.52 31.08 -1.04
N ARG B 117 5.12 31.62 0.01
CA ARG B 117 6.43 31.16 0.46
C ARG B 117 6.37 29.76 1.04
N LEU B 118 5.36 29.50 1.86
CA LEU B 118 5.16 28.18 2.47
C LEU B 118 4.77 27.12 1.46
N GLU B 119 3.89 27.47 0.52
CA GLU B 119 3.44 26.50 -0.47
C GLU B 119 4.51 26.15 -1.49
N ASN B 120 5.40 27.10 -1.78
CA ASN B 120 6.55 26.81 -2.63
C ASN B 120 7.42 25.74 -1.98
N PRO B 121 7.66 24.64 -2.71
CA PRO B 121 8.51 23.59 -2.19
C PRO B 121 9.97 24.01 -2.10
N MET B 122 10.53 23.94 -0.91
CA MET B 122 11.94 24.19 -0.70
C MET B 122 12.62 22.88 -0.34
N PRO B 123 13.51 22.38 -1.21
CA PRO B 123 14.29 21.19 -0.94
C PRO B 123 14.91 21.23 0.45
N GLY B 124 15.48 22.37 0.84
CA GLY B 124 16.10 22.51 2.15
C GLY B 124 15.77 23.82 2.83
N SER B 125 14.80 23.77 3.75
CA SER B 125 14.42 24.93 4.53
C SER B 125 13.38 24.59 5.60
N ALA B 126 13.62 25.07 6.82
CA ALA B 126 12.67 24.91 7.92
C ALA B 126 11.73 26.12 7.95
N VAL B 127 10.55 25.93 8.53
CA VAL B 127 9.56 27.01 8.58
C VAL B 127 10.05 28.23 9.35
N ALA B 128 10.77 27.99 10.45
CA ALA B 128 11.31 29.08 11.27
C ALA B 128 12.33 29.92 10.50
N GLN B 129 13.24 29.22 9.81
CA GLN B 129 14.22 29.87 8.94
C GLN B 129 13.50 30.53 7.77
N GLN B 130 12.44 29.86 7.31
CA GLN B 130 11.64 30.33 6.18
C GLN B 130 10.88 31.62 6.50
N LEU B 131 10.43 31.76 7.74
CA LEU B 131 9.63 32.91 8.17
C LEU B 131 10.45 33.97 8.90
N ARG B 132 11.75 33.73 9.03
CA ARG B 132 12.62 34.63 9.76
C ARG B 132 12.65 36.04 9.15
N ASN B 133 12.65 37.05 10.01
CA ASN B 133 12.76 38.45 9.59
C ASN B 133 11.52 38.97 8.89
N GLU B 134 10.40 38.30 9.10
CA GLU B 134 9.13 38.70 8.50
C GLU B 134 8.53 39.86 9.29
N ASN B 135 7.87 40.79 8.58
CA ASN B 135 7.26 41.95 9.22
C ASN B 135 5.78 41.77 9.45
N LEU B 136 5.36 41.85 10.71
CA LEU B 136 3.97 41.65 11.09
C LEU B 136 3.07 42.83 10.70
N LEU B 137 1.87 42.50 10.25
CA LEU B 137 0.85 43.50 9.93
C LEU B 137 0.39 44.25 11.18
N PHE B 138 0.34 43.54 12.30
CA PHE B 138 -0.10 44.11 13.57
C PHE B 138 0.63 43.44 14.72
N ALA B 139 0.51 43.99 15.92
CA ALA B 139 1.08 43.38 17.11
C ALA B 139 0.37 42.06 17.41
N PRO B 140 1.13 41.02 17.76
CA PRO B 140 0.55 39.72 18.07
C PRO B 140 -0.62 39.80 19.05
N GLY B 141 -1.75 39.22 18.67
CA GLY B 141 -2.93 39.18 19.53
C GLY B 141 -3.85 40.37 19.36
N ALA B 142 -3.42 41.37 18.59
CA ALA B 142 -4.21 42.57 18.39
C ALA B 142 -5.46 42.31 17.56
N LYS B 143 -5.33 41.54 16.48
CA LYS B 143 -6.44 41.26 15.59
C LYS B 143 -6.47 39.80 15.13
N PHE B 144 -7.62 39.42 14.54
CA PHE B 144 -7.71 38.12 13.92
C PHE B 144 -7.50 38.35 12.42
N SER B 145 -6.40 37.82 11.89
CA SER B 145 -6.18 37.84 10.45
C SER B 145 -5.78 36.43 10.02
N TYR B 146 -6.60 35.83 9.17
CA TYR B 146 -6.39 34.45 8.77
C TYR B 146 -5.19 34.28 7.83
N ALA B 147 -4.19 33.53 8.30
CA ALA B 147 -3.04 33.22 7.48
C ALA B 147 -2.79 31.72 7.54
N SER B 148 -2.74 31.08 6.38
CA SER B 148 -2.56 29.63 6.31
C SER B 148 -1.23 29.20 6.93
N ALA B 149 -0.24 30.09 6.92
CA ALA B 149 1.10 29.80 7.42
C ALA B 149 1.17 29.56 8.94
N ASN B 150 0.19 30.08 9.67
CA ASN B 150 0.14 29.91 11.12
C ASN B 150 0.13 28.43 11.54
N TYR B 151 -0.62 27.61 10.82
CA TYR B 151 -0.73 26.19 11.16
C TYR B 151 0.46 25.37 10.71
N ASP B 152 1.26 25.95 9.81
CA ASP B 152 2.53 25.36 9.42
C ASP B 152 3.56 25.54 10.54
N VAL B 153 3.49 26.68 11.21
CA VAL B 153 4.27 26.92 12.43
C VAL B 153 3.87 25.90 13.50
N LEU B 154 2.58 25.63 13.64
CA LEU B 154 2.08 24.67 14.61
C LEU B 154 2.58 23.25 14.31
N GLY B 155 2.71 22.92 13.02
CA GLY B 155 3.27 21.62 12.63
C GLY B 155 4.68 21.47 13.15
N ALA B 156 5.47 22.53 13.00
CA ALA B 156 6.84 22.56 13.47
C ALA B 156 6.92 22.43 14.99
N VAL B 157 6.01 23.11 15.69
CA VAL B 157 5.92 22.98 17.15
C VAL B 157 5.61 21.54 17.57
N ILE B 158 4.67 20.91 16.87
CA ILE B 158 4.31 19.53 17.15
C ILE B 158 5.51 18.60 16.96
N GLU B 159 6.26 18.82 15.89
CA GLU B 159 7.47 18.04 15.64
C GLU B 159 8.51 18.27 16.73
N ASN B 160 8.69 19.53 17.12
CA ASN B 160 9.67 19.88 18.14
C ASN B 160 9.35 19.26 19.50
N VAL B 161 8.09 19.31 19.90
CA VAL B 161 7.67 18.75 21.18
C VAL B 161 7.74 17.23 21.19
N THR B 162 7.26 16.59 20.13
CA THR B 162 7.19 15.13 20.07
C THR B 162 8.54 14.46 19.74
N GLY B 163 9.37 15.17 18.99
CA GLY B 163 10.60 14.57 18.47
C GLY B 163 10.32 13.63 17.31
N LYS B 164 9.12 13.73 16.74
CA LYS B 164 8.70 12.86 15.64
C LYS B 164 8.29 13.71 14.45
N THR B 165 8.15 13.07 13.28
CA THR B 165 7.63 13.76 12.11
C THR B 165 6.15 14.01 12.25
N PHE B 166 5.65 15.00 11.53
CA PHE B 166 4.24 15.36 11.56
C PHE B 166 3.36 14.19 11.13
N THR B 167 3.75 13.48 10.08
CA THR B 167 3.02 12.32 9.60
C THR B 167 2.93 11.24 10.67
N GLU B 168 4.02 11.00 11.37
CA GLU B 168 4.03 10.00 12.43
C GLU B 168 3.11 10.38 13.58
N VAL B 169 3.14 11.64 13.99
CA VAL B 169 2.30 12.12 15.09
C VAL B 169 0.83 12.05 14.70
N ILE B 170 0.52 12.47 13.48
CA ILE B 170 -0.86 12.40 12.99
C ILE B 170 -1.37 10.96 12.98
N ALA B 171 -0.52 10.03 12.56
CA ALA B 171 -0.92 8.62 12.52
C ALA B 171 -1.08 8.04 13.93
N GLU B 172 -0.09 8.27 14.78
CA GLU B 172 -0.10 7.74 16.14
C GLU B 172 -1.20 8.37 17.01
N ARG B 173 -1.32 9.69 16.99
CA ARG B 173 -2.31 10.37 17.83
C ARG B 173 -3.75 10.35 17.29
N LEU B 174 -3.91 10.41 15.97
CA LEU B 174 -5.24 10.62 15.40
C LEU B 174 -5.81 9.50 14.52
N THR B 175 -5.19 9.24 13.37
CA THR B 175 -5.81 8.34 12.39
C THR B 175 -5.88 6.89 12.82
N GLN B 176 -4.84 6.41 13.48
CA GLN B 176 -4.86 5.02 13.98
C GLN B 176 -5.85 4.80 15.12
N PRO B 177 -5.84 5.69 16.13
CA PRO B 177 -6.82 5.57 17.21
C PRO B 177 -8.26 5.70 16.69
N LEU B 178 -8.46 6.63 15.76
CA LEU B 178 -9.78 6.86 15.18
C LEU B 178 -10.16 5.83 14.12
N GLY B 179 -9.19 5.02 13.69
CA GLY B 179 -9.45 3.97 12.70
C GLY B 179 -9.67 4.50 11.29
N MET B 180 -9.03 5.61 10.96
CA MET B 180 -9.10 6.16 9.61
C MET B 180 -7.98 5.62 8.74
N SER B 181 -8.26 4.55 7.98
CA SER B 181 -7.25 3.87 7.20
C SER B 181 -6.68 4.68 6.02
N ALA B 182 -7.51 5.49 5.39
CA ALA B 182 -7.11 6.18 4.16
C ALA B 182 -6.52 7.57 4.40
N THR B 183 -6.63 8.09 5.63
CA THR B 183 -6.18 9.44 5.92
C THR B 183 -4.69 9.48 6.23
N VAL B 184 -3.97 10.38 5.58
CA VAL B 184 -2.53 10.48 5.77
C VAL B 184 -2.02 11.90 5.56
N ALA B 185 -1.00 12.27 6.33
CA ALA B 185 -0.30 13.52 6.09
C ALA B 185 0.89 13.20 5.21
N VAL B 186 0.89 13.70 3.99
CA VAL B 186 1.92 13.35 3.03
C VAL B 186 3.28 13.91 3.43
N LYS B 187 4.32 13.12 3.22
CA LYS B 187 5.69 13.55 3.50
C LYS B 187 6.17 14.50 2.43
N GLY B 188 5.60 14.41 1.24
CA GLY B 188 6.03 15.24 0.13
C GLY B 188 5.51 14.69 -1.18
N ASP B 189 6.40 14.49 -2.14
CA ASP B 189 6.02 13.95 -3.44
C ASP B 189 6.14 12.43 -3.44
N GLU B 190 5.16 11.76 -2.85
CA GLU B 190 5.08 10.31 -2.92
C GLU B 190 3.72 9.98 -3.52
N ILE B 191 3.69 9.11 -4.51
CA ILE B 191 2.44 8.82 -5.19
C ILE B 191 1.43 8.20 -4.23
N ILE B 192 0.18 8.65 -4.34
CA ILE B 192 -0.88 8.11 -3.51
C ILE B 192 -1.90 7.38 -4.37
N VAL B 193 -2.14 6.12 -4.03
CA VAL B 193 -3.09 5.32 -4.78
C VAL B 193 -4.50 5.86 -4.56
N ASN B 194 -5.26 5.95 -5.65
CA ASN B 194 -6.66 6.36 -5.58
C ASN B 194 -6.86 7.86 -5.50
N LYS B 195 -5.77 8.63 -5.46
CA LYS B 195 -5.90 10.07 -5.37
C LYS B 195 -6.48 10.67 -6.66
N ALA B 196 -7.51 11.51 -6.50
CA ALA B 196 -8.12 12.20 -7.62
C ALA B 196 -7.14 13.18 -8.25
N SER B 197 -7.27 13.38 -9.56
CA SER B 197 -6.53 14.45 -10.23
C SER B 197 -7.11 15.79 -9.79
N GLY B 198 -6.25 16.81 -9.72
CA GLY B 198 -6.68 18.13 -9.31
C GLY B 198 -6.78 19.07 -10.50
N TYR B 199 -7.86 19.84 -10.54
CA TYR B 199 -8.10 20.74 -11.66
C TYR B 199 -8.18 22.18 -11.18
N LYS B 200 -7.65 23.08 -11.99
CA LYS B 200 -7.71 24.49 -11.66
C LYS B 200 -8.65 25.15 -12.66
N LEU B 201 -9.69 25.79 -12.15
CA LEU B 201 -10.71 26.38 -13.01
C LEU B 201 -10.16 27.53 -13.85
N GLY B 202 -10.65 27.63 -15.07
CA GLY B 202 -10.34 28.78 -15.90
C GLY B 202 -9.21 28.51 -16.86
N PHE B 203 -9.46 28.79 -18.13
CA PHE B 203 -10.78 29.22 -18.55
C PHE B 203 -11.72 28.01 -18.50
N GLY B 204 -11.21 26.85 -18.89
CA GLY B 204 -11.87 25.56 -18.68
C GLY B 204 -11.04 24.79 -17.66
N LYS B 205 -11.57 23.69 -17.15
CA LYS B 205 -10.86 22.94 -16.11
C LYS B 205 -9.65 22.15 -16.62
N PRO B 206 -8.44 22.73 -16.50
CA PRO B 206 -7.19 22.06 -16.85
C PRO B 206 -6.48 21.50 -15.60
N VAL B 207 -5.74 20.41 -15.78
CA VAL B 207 -5.11 19.72 -14.66
C VAL B 207 -3.77 20.32 -14.19
N LEU B 208 -3.65 20.54 -12.89
CA LEU B 208 -2.39 20.98 -12.28
C LEU B 208 -1.97 19.97 -11.20
N PHE B 209 -2.40 18.72 -11.39
CA PHE B 209 -2.28 17.68 -10.37
C PHE B 209 -0.91 17.25 -9.82
N HIS B 210 0.05 16.94 -10.69
CA HIS B 210 1.31 16.37 -10.16
C HIS B 210 2.60 17.19 -10.28
N ALA B 211 2.85 17.91 -9.17
CA ALA B 211 4.11 18.61 -8.94
C ALA B 211 4.31 18.40 -7.45
N PRO B 212 5.57 18.35 -6.99
CA PRO B 212 5.80 18.07 -5.57
C PRO B 212 5.07 19.06 -4.65
N LEU B 213 4.40 18.52 -3.64
CA LEU B 213 3.80 19.33 -2.58
C LEU B 213 4.87 19.67 -1.54
N ALA B 214 4.86 20.91 -1.08
CA ALA B 214 5.79 21.34 -0.04
C ALA B 214 5.50 20.64 1.30
N ARG B 215 6.53 20.03 1.87
CA ARG B 215 6.40 19.28 3.13
C ARG B 215 6.00 20.18 4.30
N ASN B 216 6.56 21.39 4.34
CA ASN B 216 6.29 22.34 5.41
C ASN B 216 4.84 22.78 5.45
N HIS B 217 4.19 22.79 4.29
CA HIS B 217 2.85 23.33 4.17
C HIS B 217 1.75 22.29 4.41
N VAL B 218 2.14 21.04 4.70
CA VAL B 218 1.19 19.94 4.86
C VAL B 218 0.20 20.11 6.02
N PRO B 219 0.68 20.57 7.20
CA PRO B 219 -0.22 20.77 8.35
C PRO B 219 -1.36 21.74 8.09
N ALA B 220 -1.12 22.74 7.25
CA ALA B 220 -2.16 23.70 6.88
C ALA B 220 -3.03 23.25 5.70
N ALA B 221 -2.44 22.56 4.71
CA ALA B 221 -3.18 22.27 3.50
C ALA B 221 -3.14 20.87 2.84
N TYR B 222 -2.14 20.03 3.22
CA TYR B 222 -1.99 18.79 2.45
C TYR B 222 -2.33 17.44 3.09
N ILE B 223 -3.13 17.45 4.15
CA ILE B 223 -3.63 16.19 4.66
C ILE B 223 -4.58 15.58 3.62
N HIS B 224 -4.47 14.28 3.41
CA HIS B 224 -5.26 13.58 2.38
C HIS B 224 -6.27 12.64 3.04
N SER B 225 -7.49 12.62 2.50
CA SER B 225 -8.51 11.74 3.06
C SER B 225 -9.55 11.28 2.02
N THR B 226 -10.45 10.43 2.47
CA THR B 226 -11.56 9.96 1.65
C THR B 226 -12.85 10.36 2.34
N LEU B 227 -13.98 10.19 1.63
CA LEU B 227 -15.29 10.49 2.20
C LEU B 227 -15.62 9.63 3.43
N PRO B 228 -15.44 8.29 3.32
CA PRO B 228 -15.67 7.42 4.47
C PRO B 228 -14.79 7.77 5.69
N ASP B 229 -13.55 8.15 5.45
CA ASP B 229 -12.68 8.58 6.56
C ASP B 229 -13.17 9.88 7.21
N MET B 230 -13.70 10.79 6.39
CA MET B 230 -14.19 12.06 6.91
C MET B 230 -15.49 11.87 7.67
N GLU B 231 -16.24 10.84 7.30
CA GLU B 231 -17.43 10.43 8.05
C GLU B 231 -17.04 9.97 9.43
N ILE B 232 -15.96 9.20 9.53
CA ILE B 232 -15.46 8.73 10.81
C ILE B 232 -15.00 9.94 11.63
N TRP B 233 -14.34 10.87 10.96
CA TRP B 233 -13.90 12.12 11.57
C TRP B 233 -15.09 12.90 12.14
N ILE B 234 -16.13 13.08 11.34
CA ILE B 234 -17.33 13.76 11.79
C ILE B 234 -17.99 13.05 12.98
N ASP B 235 -18.08 11.72 12.88
CA ASP B 235 -18.71 10.92 13.93
C ASP B 235 -17.97 11.02 15.27
N ALA B 236 -16.64 11.08 15.21
CA ALA B 236 -15.83 11.20 16.41
C ALA B 236 -16.08 12.54 17.12
N TRP B 237 -16.15 13.62 16.35
CA TRP B 237 -16.44 14.93 16.92
C TRP B 237 -17.84 15.00 17.52
N LEU B 238 -18.81 14.41 16.83
CA LEU B 238 -20.20 14.39 17.27
C LEU B 238 -20.39 13.49 18.50
N HIS B 239 -19.60 12.43 18.57
CA HIS B 239 -19.67 11.49 19.69
C HIS B 239 -18.40 11.53 20.52
N ARG B 240 -17.87 12.74 20.69
CA ARG B 240 -16.60 12.95 21.38
C ARG B 240 -16.59 12.44 22.82
N LYS B 241 -17.77 12.42 23.44
CA LYS B 241 -17.90 11.98 24.83
C LYS B 241 -17.62 10.47 24.99
N ALA B 242 -17.80 9.72 23.91
CA ALA B 242 -17.57 8.28 23.92
C ALA B 242 -16.07 7.94 23.96
N LEU B 243 -15.25 8.88 23.53
CA LEU B 243 -13.81 8.66 23.37
C LEU B 243 -13.02 8.68 24.68
N PRO B 244 -11.76 8.23 24.63
CA PRO B 244 -10.81 8.31 25.75
C PRO B 244 -10.65 9.74 26.24
N ALA B 245 -10.39 9.90 27.53
CA ALA B 245 -10.42 11.20 28.19
C ALA B 245 -9.54 12.26 27.54
N THR B 246 -8.30 11.91 27.20
CA THR B 246 -7.40 12.90 26.62
C THR B 246 -7.94 13.40 25.28
N LEU B 247 -8.43 12.48 24.46
CA LEU B 247 -8.96 12.83 23.15
C LEU B 247 -10.25 13.62 23.29
N ARG B 248 -11.12 13.14 24.17
CA ARG B 248 -12.38 13.81 24.46
C ARG B 248 -12.19 15.25 24.97
N GLU B 249 -11.32 15.40 25.96
CA GLU B 249 -11.03 16.72 26.53
C GLU B 249 -10.39 17.64 25.50
N ALA B 250 -9.50 17.09 24.68
CA ALA B 250 -8.84 17.88 23.66
C ALA B 250 -9.84 18.41 22.65
N MET B 251 -10.83 17.58 22.29
CA MET B 251 -11.85 17.99 21.33
C MET B 251 -12.71 19.16 21.82
N SER B 252 -13.09 19.13 23.09
CA SER B 252 -13.86 20.21 23.69
C SER B 252 -13.05 21.51 23.68
N ASN B 253 -11.77 21.40 24.00
CA ASN B 253 -10.87 22.55 23.99
C ASN B 253 -10.62 23.07 22.59
N SER B 254 -10.69 22.18 21.61
CA SER B 254 -10.46 22.55 20.21
C SER B 254 -11.59 23.42 19.67
N TRP B 255 -12.78 23.27 20.25
CA TRP B 255 -13.95 24.00 19.81
C TRP B 255 -14.15 25.34 20.53
N ARG B 256 -13.27 25.64 21.48
CA ARG B 256 -13.34 26.90 22.22
C ARG B 256 -12.79 28.04 21.37
N GLY B 257 -13.63 29.02 21.08
CA GLY B 257 -13.23 30.12 20.21
C GLY B 257 -12.50 31.25 20.93
N ASN B 258 -11.58 31.90 20.23
CA ASN B 258 -10.87 33.03 20.81
C ASN B 258 -11.68 34.32 20.69
N SER B 259 -12.17 34.81 21.83
CA SER B 259 -13.00 36.01 21.84
C SER B 259 -12.20 37.30 22.11
N ASP B 260 -10.88 37.18 22.22
CA ASP B 260 -10.03 38.32 22.55
C ASP B 260 -9.52 39.10 21.34
N VAL B 261 -10.31 39.13 20.28
CA VAL B 261 -9.98 39.89 19.08
C VAL B 261 -11.17 40.76 18.71
N PRO B 262 -10.91 41.87 17.99
CA PRO B 262 -11.96 42.71 17.44
C PRO B 262 -12.86 41.94 16.47
N LEU B 263 -14.15 42.25 16.52
CA LEU B 263 -15.13 41.62 15.65
C LEU B 263 -15.70 42.65 14.69
N ALA B 264 -15.99 42.23 13.46
CA ALA B 264 -16.57 43.11 12.48
C ALA B 264 -18.04 43.34 12.80
N ALA B 265 -18.62 44.37 12.19
CA ALA B 265 -20.01 44.71 12.41
C ALA B 265 -20.94 43.59 11.95
N ASP B 266 -20.63 42.99 10.81
CA ASP B 266 -21.43 41.90 10.26
C ASP B 266 -20.88 40.52 10.60
N ASN B 267 -19.75 40.46 11.30
CA ASN B 267 -19.13 39.18 11.60
C ASN B 267 -18.57 39.08 13.01
N ARG B 268 -19.31 38.42 13.90
CA ARG B 268 -18.86 38.23 15.28
C ARG B 268 -18.45 36.78 15.54
N ILE B 269 -18.21 36.05 14.45
CA ILE B 269 -17.79 34.66 14.52
C ILE B 269 -16.36 34.54 15.09
N LEU B 270 -16.13 33.46 15.84
CA LEU B 270 -14.83 33.24 16.46
C LEU B 270 -14.07 32.09 15.81
N TYR B 271 -12.75 32.11 15.98
CA TYR B 271 -11.89 31.03 15.50
C TYR B 271 -11.39 30.21 16.68
N ALA B 272 -11.56 28.89 16.60
CA ALA B 272 -11.04 27.98 17.61
C ALA B 272 -9.75 27.33 17.08
N SER B 273 -9.55 26.04 17.37
CA SER B 273 -8.36 25.34 16.87
C SER B 273 -8.59 24.70 15.50
N GLY B 274 -8.53 25.52 14.46
CA GLY B 274 -8.79 25.06 13.10
C GLY B 274 -10.28 24.96 12.79
N TRP B 275 -11.08 25.71 13.52
CA TRP B 275 -12.53 25.76 13.31
C TRP B 275 -13.06 27.19 13.46
N PHE B 276 -14.19 27.44 12.81
CA PHE B 276 -14.91 28.68 12.96
C PHE B 276 -16.11 28.30 13.81
N ILE B 277 -16.35 29.05 14.88
CA ILE B 277 -17.48 28.82 15.78
C ILE B 277 -18.51 29.93 15.65
N ASP B 278 -19.72 29.57 15.22
CA ASP B 278 -20.82 30.52 15.12
C ASP B 278 -21.94 30.09 16.07
N GLN B 279 -22.36 31.01 16.94
CA GLN B 279 -23.49 30.74 17.83
C GLN B 279 -24.85 30.88 17.14
N ASN B 280 -24.91 31.69 16.08
CA ASN B 280 -26.17 31.95 15.38
C ASN B 280 -26.75 30.67 14.78
N GLN B 281 -27.99 30.33 15.18
CA GLN B 281 -28.60 29.06 14.81
C GLN B 281 -27.58 27.95 15.06
N GLY B 282 -26.91 28.03 16.21
CA GLY B 282 -25.80 27.13 16.49
C GLY B 282 -25.92 26.40 17.82
N PRO B 283 -24.79 25.89 18.34
CA PRO B 283 -23.47 25.99 17.71
C PRO B 283 -23.36 25.42 16.28
N TYR B 284 -22.75 26.21 15.41
CA TYR B 284 -22.48 25.85 14.03
C TYR B 284 -20.96 25.92 13.84
N ILE B 285 -20.35 24.77 13.59
CA ILE B 285 -18.90 24.69 13.55
C ILE B 285 -18.43 24.23 12.17
N SER B 286 -17.60 25.04 11.55
CA SER B 286 -17.25 24.81 10.15
C SER B 286 -15.86 25.30 9.77
N HIS B 287 -15.39 24.80 8.63
CA HIS B 287 -14.18 25.26 8.00
C HIS B 287 -14.21 24.83 6.54
N GLY B 288 -13.60 25.64 5.68
CA GLY B 288 -13.48 25.32 4.28
C GLY B 288 -12.03 25.05 3.97
N GLY B 289 -11.82 24.27 2.91
CA GLY B 289 -10.47 24.02 2.42
C GLY B 289 -10.41 24.49 0.98
N GLN B 290 -9.43 25.32 0.66
CA GLN B 290 -9.27 25.79 -0.71
C GLN B 290 -7.82 25.68 -1.11
N ASN B 291 -7.57 24.82 -2.10
CA ASN B 291 -6.23 24.62 -2.63
C ASN B 291 -6.29 25.02 -4.10
N PRO B 292 -5.13 25.13 -4.75
CA PRO B 292 -5.15 25.45 -6.17
C PRO B 292 -6.01 24.48 -6.98
N ASN B 293 -5.89 23.19 -6.70
CA ASN B 293 -6.60 22.17 -7.46
C ASN B 293 -7.67 21.40 -6.69
N PHE B 294 -7.92 21.79 -5.44
CA PHE B 294 -8.95 21.13 -4.63
C PHE B 294 -9.73 22.14 -3.80
N SER B 295 -10.99 21.82 -3.51
CA SER B 295 -11.79 22.60 -2.57
C SER B 295 -12.68 21.68 -1.74
N SER B 296 -12.97 22.10 -0.52
CA SER B 296 -13.78 21.29 0.39
C SER B 296 -14.44 22.15 1.49
N CYS B 297 -15.50 21.62 2.10
CA CYS B 297 -16.11 22.26 3.26
C CYS B 297 -16.56 21.22 4.27
N ILE B 298 -16.59 21.62 5.54
CA ILE B 298 -17.13 20.77 6.57
C ILE B 298 -17.97 21.62 7.52
N ALA B 299 -19.11 21.09 7.94
CA ALA B 299 -19.99 21.79 8.85
C ALA B 299 -20.57 20.82 9.87
N LEU B 300 -20.57 21.24 11.13
CA LEU B 300 -21.14 20.43 12.20
C LEU B 300 -22.12 21.25 13.01
N ARG B 301 -23.30 20.68 13.23
CA ARG B 301 -24.26 21.25 14.15
C ARG B 301 -24.60 20.16 15.17
N PRO B 302 -23.76 20.03 16.22
CA PRO B 302 -23.80 19.00 17.25
C PRO B 302 -25.15 18.83 17.95
N ASP B 303 -25.86 19.91 18.21
CA ASP B 303 -27.11 19.83 18.97
C ASP B 303 -28.18 19.01 18.25
N GLN B 304 -28.20 19.07 16.92
CA GLN B 304 -29.11 18.22 16.16
C GLN B 304 -28.38 17.03 15.51
N GLN B 305 -27.15 16.77 15.96
CA GLN B 305 -26.37 15.67 15.41
C GLN B 305 -26.20 15.77 13.89
N ILE B 306 -25.86 16.98 13.43
CA ILE B 306 -25.69 17.22 12.01
C ILE B 306 -24.22 17.30 11.65
N GLY B 307 -23.82 16.51 10.66
CA GLY B 307 -22.47 16.56 10.13
C GLY B 307 -22.50 16.56 8.61
N ILE B 308 -21.80 17.51 8.01
CA ILE B 308 -21.78 17.68 6.57
C ILE B 308 -20.34 17.81 6.09
N VAL B 309 -19.98 17.06 5.05
CA VAL B 309 -18.66 17.17 4.45
C VAL B 309 -18.76 17.06 2.93
N ALA B 310 -18.07 17.95 2.23
CA ALA B 310 -18.00 17.91 0.78
C ALA B 310 -16.56 17.97 0.31
N LEU B 311 -16.23 17.13 -0.67
CA LEU B 311 -14.87 17.09 -1.24
C LEU B 311 -14.95 17.21 -2.75
N ALA B 312 -14.16 18.11 -3.31
CA ALA B 312 -14.13 18.30 -4.75
C ALA B 312 -12.69 18.39 -5.25
N ASN B 313 -12.47 17.97 -6.50
CA ASN B 313 -11.13 17.96 -7.07
C ASN B 313 -10.80 19.18 -7.92
N MET B 314 -11.57 20.25 -7.74
CA MET B 314 -11.27 21.53 -8.36
C MET B 314 -11.51 22.63 -7.34
N ASN B 315 -10.79 23.73 -7.47
CA ASN B 315 -10.99 24.88 -6.58
C ASN B 315 -12.22 25.68 -6.99
N SER B 316 -13.28 25.60 -6.19
CA SER B 316 -14.51 26.32 -6.48
C SER B 316 -15.02 27.06 -5.25
N ASN B 317 -15.39 28.32 -5.44
CA ASN B 317 -15.98 29.13 -4.38
C ASN B 317 -17.35 28.59 -3.95
N LEU B 318 -18.05 27.97 -4.89
CA LEU B 318 -19.35 27.38 -4.61
C LEU B 318 -19.27 26.19 -3.65
N ILE B 319 -18.17 25.45 -3.71
CA ILE B 319 -17.98 24.31 -2.83
C ILE B 319 -17.90 24.76 -1.37
N LEU B 320 -17.28 25.91 -1.14
CA LEU B 320 -17.15 26.49 0.19
C LEU B 320 -18.50 26.82 0.78
N GLN B 321 -19.43 27.27 -0.07
CA GLN B 321 -20.76 27.63 0.37
C GLN B 321 -21.68 26.40 0.44
N LEU B 322 -21.21 25.28 -0.10
CA LEU B 322 -22.06 24.09 -0.26
C LEU B 322 -22.57 23.50 1.06
N CYS B 323 -21.72 23.47 2.07
CA CYS B 323 -22.15 22.98 3.37
C CYS B 323 -23.25 23.86 3.97
N ALA B 324 -23.15 25.17 3.75
CA ALA B 324 -24.16 26.13 4.21
C ALA B 324 -25.50 25.92 3.50
N ASP B 325 -25.45 25.65 2.19
CA ASP B 325 -26.67 25.31 1.44
C ASP B 325 -27.36 24.08 2.03
N ILE B 326 -26.59 23.02 2.27
CA ILE B 326 -27.12 21.78 2.82
C ILE B 326 -27.65 21.99 4.24
N ASP B 327 -26.95 22.78 5.04
CA ASP B 327 -27.43 23.07 6.39
C ASP B 327 -28.76 23.83 6.35
N ASN B 328 -28.88 24.78 5.43
CA ASN B 328 -30.14 25.48 5.23
C ASN B 328 -31.26 24.51 4.89
N TYR B 329 -30.99 23.59 3.98
CA TYR B 329 -31.99 22.61 3.58
C TYR B 329 -32.44 21.76 4.76
N LEU B 330 -31.49 21.31 5.58
CA LEU B 330 -31.81 20.56 6.77
C LEU B 330 -32.59 21.38 7.80
N ARG B 331 -32.17 22.64 7.98
CA ARG B 331 -32.75 23.49 9.01
C ARG B 331 -34.16 23.97 8.64
N ILE B 332 -34.34 24.44 7.41
CA ILE B 332 -35.63 25.04 7.03
C ILE B 332 -36.21 24.52 5.72
N GLY B 333 -35.54 23.56 5.09
CA GLY B 333 -36.01 23.01 3.82
C GLY B 333 -35.91 23.97 2.65
N LYS B 334 -35.08 25.00 2.81
CA LYS B 334 -34.88 25.99 1.75
C LYS B 334 -33.41 26.26 1.53
N TYR B 335 -33.08 26.86 0.38
CA TYR B 335 -31.73 27.32 0.11
C TYR B 335 -31.75 28.32 -1.06
N GLU C 1 -12.05 -7.75 -39.49
CA GLU C 1 -12.75 -6.54 -40.00
C GLU C 1 -12.87 -5.48 -38.92
N ARG C 2 -13.02 -5.93 -37.68
CA ARG C 2 -13.11 -5.03 -36.54
C ARG C 2 -11.87 -5.18 -35.66
N LEU C 3 -11.42 -4.07 -35.06
CA LEU C 3 -10.23 -4.08 -34.21
C LEU C 3 -10.39 -5.02 -33.03
N SER C 4 -11.56 -4.98 -32.39
CA SER C 4 -11.85 -5.89 -31.29
C SER C 4 -11.78 -7.35 -31.75
N THR C 5 -12.21 -7.59 -32.97
CA THR C 5 -12.12 -8.92 -33.57
C THR C 5 -10.67 -9.36 -33.73
N LEU C 6 -9.84 -8.46 -34.24
CA LEU C 6 -8.43 -8.73 -34.44
C LEU C 6 -7.74 -9.06 -33.12
N ILE C 7 -7.96 -8.20 -32.12
CA ILE C 7 -7.30 -8.35 -30.83
C ILE C 7 -7.74 -9.62 -30.14
N HIS C 8 -9.05 -9.85 -30.12
CA HIS C 8 -9.59 -11.06 -29.51
C HIS C 8 -9.09 -12.33 -30.21
N GLN C 9 -9.04 -12.29 -31.54
CA GLN C 9 -8.56 -13.40 -32.35
C GLN C 9 -7.10 -13.75 -32.06
N ARG C 10 -6.26 -12.72 -31.96
CA ARG C 10 -4.85 -12.90 -31.65
C ARG C 10 -4.65 -13.46 -30.24
N MET C 11 -5.47 -13.03 -29.30
CA MET C 11 -5.37 -13.47 -27.91
C MET C 11 -5.60 -14.96 -27.73
N GLN C 12 -6.63 -15.49 -28.38
CA GLN C 12 -6.91 -16.92 -28.26
C GLN C 12 -5.88 -17.74 -29.03
N GLU C 13 -5.36 -17.17 -30.10
CA GLU C 13 -4.29 -17.80 -30.84
C GLU C 13 -3.00 -17.82 -30.02
N ALA C 14 -2.75 -16.72 -29.30
CA ALA C 14 -1.59 -16.62 -28.41
C ALA C 14 -1.73 -17.51 -27.18
N LYS C 15 -2.98 -17.71 -26.75
CA LYS C 15 -3.32 -18.55 -25.60
C LYS C 15 -2.92 -17.96 -24.25
N VAL C 16 -2.70 -16.66 -24.21
CA VAL C 16 -2.40 -15.98 -22.96
C VAL C 16 -3.65 -15.88 -22.08
N PRO C 17 -3.53 -16.25 -20.80
CA PRO C 17 -4.65 -16.16 -19.87
C PRO C 17 -5.21 -14.74 -19.76
N ALA C 18 -4.32 -13.74 -19.69
CA ALA C 18 -4.75 -12.35 -19.61
C ALA C 18 -4.11 -11.49 -20.69
N LEU C 19 -4.92 -10.71 -21.38
CA LEU C 19 -4.42 -9.73 -22.35
C LEU C 19 -5.00 -8.35 -22.07
N SER C 20 -4.13 -7.35 -21.97
CA SER C 20 -4.56 -5.97 -21.82
C SER C 20 -3.99 -5.11 -22.94
N VAL C 21 -4.87 -4.48 -23.71
CA VAL C 21 -4.46 -3.64 -24.83
C VAL C 21 -5.09 -2.26 -24.78
N SER C 22 -4.28 -1.25 -25.06
CA SER C 22 -4.78 0.11 -25.17
C SER C 22 -4.37 0.69 -26.52
N VAL C 23 -5.33 1.22 -27.26
CA VAL C 23 -5.02 1.82 -28.56
C VAL C 23 -5.56 3.24 -28.67
N THR C 24 -4.67 4.20 -28.88
CA THR C 24 -5.08 5.58 -29.08
C THR C 24 -4.66 6.11 -30.45
N ILE C 25 -5.63 6.64 -31.17
CA ILE C 25 -5.36 7.27 -32.47
C ILE C 25 -6.11 8.60 -32.57
N LYS C 26 -5.35 9.67 -32.81
CA LYS C 26 -5.94 11.00 -33.02
C LYS C 26 -6.80 11.44 -31.83
N GLY C 27 -6.34 11.14 -30.63
CA GLY C 27 -7.03 11.53 -29.40
C GLY C 27 -8.21 10.64 -29.04
N VAL C 28 -8.36 9.53 -29.75
CA VAL C 28 -9.41 8.56 -29.45
C VAL C 28 -8.78 7.29 -28.88
N ARG C 29 -9.28 6.82 -27.74
CA ARG C 29 -8.70 5.64 -27.08
C ARG C 29 -9.69 4.51 -26.82
N GLN C 30 -9.35 3.31 -27.26
CA GLN C 30 -10.12 2.14 -26.91
C GLN C 30 -9.27 1.16 -26.10
N ARG C 31 -9.87 0.55 -25.09
CA ARG C 31 -9.19 -0.41 -24.23
C ARG C 31 -9.75 -1.81 -24.45
N PHE C 32 -8.87 -2.80 -24.39
CA PHE C 32 -9.27 -4.20 -24.47
C PHE C 32 -8.66 -4.96 -23.31
N VAL C 33 -9.50 -5.34 -22.34
CA VAL C 33 -9.08 -6.08 -21.17
C VAL C 33 -9.74 -7.45 -21.16
N TYR C 34 -8.95 -8.51 -21.34
CA TYR C 34 -9.50 -9.84 -21.48
C TYR C 34 -8.87 -10.85 -20.53
N GLY C 35 -9.59 -11.97 -20.31
CA GLY C 35 -9.05 -13.09 -19.55
C GLY C 35 -8.93 -13.00 -18.05
N VAL C 36 -8.06 -13.85 -17.49
CA VAL C 36 -7.92 -13.94 -16.05
C VAL C 36 -6.46 -13.71 -15.64
N ALA C 37 -6.27 -12.92 -14.59
CA ALA C 37 -4.94 -12.66 -14.05
C ALA C 37 -4.37 -13.90 -13.36
N ASP C 38 -5.21 -14.60 -12.62
CA ASP C 38 -4.81 -15.87 -11.99
C ASP C 38 -5.79 -16.96 -12.34
N VAL C 39 -5.32 -18.01 -13.02
CA VAL C 39 -6.19 -19.09 -13.46
C VAL C 39 -6.75 -19.92 -12.31
N ALA C 40 -5.91 -20.27 -11.35
CA ALA C 40 -6.32 -21.14 -10.25
C ALA C 40 -7.42 -20.52 -9.39
N SER C 41 -7.25 -19.25 -9.04
CA SER C 41 -8.21 -18.55 -8.19
C SER C 41 -9.29 -17.85 -9.01
N GLN C 42 -9.20 -17.96 -10.33
CA GLN C 42 -10.17 -17.35 -11.25
C GLN C 42 -10.30 -15.84 -11.09
N LYS C 43 -9.21 -15.17 -10.73
CA LYS C 43 -9.26 -13.72 -10.61
C LYS C 43 -9.23 -13.06 -11.98
N ALA C 44 -10.25 -12.25 -12.26
CA ALA C 44 -10.38 -11.59 -13.55
C ALA C 44 -9.31 -10.52 -13.77
N ASN C 45 -8.85 -10.42 -15.00
CA ASN C 45 -8.00 -9.34 -15.44
C ASN C 45 -8.78 -8.02 -15.37
N THR C 46 -8.19 -7.02 -14.71
CA THR C 46 -8.81 -5.70 -14.57
C THR C 46 -7.80 -4.61 -14.88
N LEU C 47 -8.26 -3.36 -14.89
CA LEU C 47 -7.42 -2.19 -15.12
C LEU C 47 -6.33 -2.08 -14.07
N ASP C 48 -6.63 -2.61 -12.88
CA ASP C 48 -5.68 -2.60 -11.76
C ASP C 48 -4.56 -3.62 -11.88
N THR C 49 -4.72 -4.60 -12.76
CA THR C 49 -3.75 -5.70 -12.89
C THR C 49 -2.35 -5.23 -13.25
N VAL C 50 -1.36 -5.72 -12.50
CA VAL C 50 0.03 -5.33 -12.68
C VAL C 50 0.77 -6.38 -13.48
N TYR C 51 1.57 -5.93 -14.45
CA TYR C 51 2.33 -6.81 -15.32
C TYR C 51 3.80 -6.43 -15.23
N GLU C 52 4.67 -7.41 -15.55
CA GLU C 52 6.09 -7.09 -15.69
C GLU C 52 6.23 -6.57 -17.11
N LEU C 53 6.96 -5.48 -17.27
CA LEU C 53 7.16 -4.88 -18.59
C LEU C 53 8.17 -5.64 -19.44
N GLY C 54 9.03 -6.43 -18.82
CA GLY C 54 10.12 -7.07 -19.52
C GLY C 54 11.04 -6.04 -20.16
N SER C 55 11.38 -6.26 -21.42
CA SER C 55 12.29 -5.38 -22.16
C SER C 55 11.77 -3.96 -22.35
N MET C 56 10.47 -3.77 -22.12
CA MET C 56 9.89 -2.44 -22.19
C MET C 56 10.32 -1.58 -21.00
N SER C 57 11.03 -2.22 -20.06
CA SER C 57 11.66 -1.55 -18.93
C SER C 57 12.81 -0.65 -19.40
N LYS C 58 13.41 -1.02 -20.53
CA LYS C 58 14.60 -0.33 -21.05
C LYS C 58 14.34 1.13 -21.43
N ALA C 59 13.13 1.42 -21.90
CA ALA C 59 12.75 2.78 -22.24
C ALA C 59 12.75 3.71 -21.01
N PHE C 60 12.39 3.18 -19.85
CA PHE C 60 12.40 3.94 -18.60
C PHE C 60 13.84 4.18 -18.16
N THR C 61 14.63 3.11 -18.19
CA THR C 61 16.06 3.16 -17.90
C THR C 61 16.78 4.11 -18.85
N GLY C 62 16.48 3.99 -20.15
CA GLY C 62 17.13 4.80 -21.18
C GLY C 62 16.78 6.27 -21.08
N LEU C 63 15.51 6.55 -20.76
CA LEU C 63 15.07 7.92 -20.59
C LEU C 63 15.78 8.58 -19.39
N VAL C 64 15.95 7.83 -18.32
CA VAL C 64 16.62 8.35 -17.12
C VAL C 64 18.08 8.69 -17.42
N VAL C 65 18.75 7.84 -18.18
CA VAL C 65 20.11 8.11 -18.64
C VAL C 65 20.16 9.41 -19.44
N GLN C 66 19.17 9.60 -20.31
CA GLN C 66 19.09 10.82 -21.12
C GLN C 66 18.80 12.04 -20.27
N ILE C 67 18.07 11.84 -19.18
CA ILE C 67 17.77 12.93 -18.25
C ILE C 67 19.05 13.37 -17.55
N LEU C 68 19.85 12.40 -17.12
CA LEU C 68 21.16 12.70 -16.54
C LEU C 68 22.08 13.36 -17.56
N ILE C 69 22.05 12.87 -18.79
CA ILE C 69 22.84 13.48 -19.87
C ILE C 69 22.36 14.90 -20.15
N GLN C 70 21.05 15.10 -20.19
CA GLN C 70 20.47 16.42 -20.39
C GLN C 70 20.92 17.39 -19.31
N GLU C 71 21.07 16.89 -18.08
CA GLU C 71 21.47 17.71 -16.94
C GLU C 71 22.97 17.95 -16.88
N GLY C 72 23.73 17.26 -17.73
CA GLY C 72 25.17 17.42 -17.77
C GLY C 72 25.87 16.55 -16.76
N ARG C 73 25.09 15.74 -16.04
CA ARG C 73 25.64 14.83 -15.05
C ARG C 73 26.35 13.66 -15.70
N LEU C 74 25.95 13.34 -16.93
CA LEU C 74 26.49 12.18 -17.64
C LEU C 74 26.66 12.51 -19.12
N ARG C 75 27.51 11.75 -19.80
CA ARG C 75 27.64 11.84 -21.25
C ARG C 75 27.80 10.46 -21.89
N GLN C 76 27.31 10.31 -23.11
CA GLN C 76 27.40 9.05 -23.84
C GLN C 76 28.83 8.62 -24.03
N GLY C 77 29.72 9.60 -24.24
CA GLY C 77 31.12 9.35 -24.48
C GLY C 77 31.89 8.88 -23.27
N ASP C 78 31.36 9.13 -22.08
CA ASP C 78 32.05 8.81 -20.83
C ASP C 78 32.42 7.34 -20.73
N ASP C 79 33.64 7.09 -20.27
CA ASP C 79 34.12 5.73 -20.06
C ASP C 79 33.32 5.03 -18.97
N ILE C 80 33.04 3.75 -19.18
CA ILE C 80 32.26 2.96 -18.25
C ILE C 80 33.03 2.75 -16.94
N ILE C 81 34.36 2.81 -17.03
CA ILE C 81 35.25 2.50 -15.91
C ILE C 81 35.03 3.37 -14.68
N THR C 82 34.72 4.65 -14.89
CA THR C 82 34.57 5.55 -13.75
C THR C 82 33.32 5.19 -12.93
N TYR C 83 32.27 4.77 -13.61
CA TYR C 83 31.02 4.40 -12.96
C TYR C 83 31.06 2.96 -12.43
N LEU C 84 31.71 2.07 -13.17
CA LEU C 84 31.88 0.68 -12.74
C LEU C 84 33.35 0.28 -12.80
N PRO C 85 34.13 0.71 -11.79
CA PRO C 85 35.58 0.51 -11.77
C PRO C 85 35.98 -0.96 -11.78
N GLU C 86 35.19 -1.79 -11.09
CA GLU C 86 35.50 -3.21 -10.97
C GLU C 86 35.31 -3.98 -12.28
N MET C 87 34.38 -3.54 -13.11
CA MET C 87 34.05 -4.27 -14.33
C MET C 87 35.11 -4.15 -15.42
N ARG C 88 35.77 -5.27 -15.72
CA ARG C 88 36.74 -5.31 -16.80
C ARG C 88 36.27 -6.29 -17.86
N LEU C 89 36.25 -5.82 -19.11
CA LEU C 89 35.77 -6.61 -20.22
C LEU C 89 36.89 -6.81 -21.23
N ASN C 90 36.97 -8.00 -21.81
CA ASN C 90 38.06 -8.33 -22.72
C ASN C 90 37.59 -8.72 -24.12
N TYR C 91 38.20 -8.10 -25.12
CA TYR C 91 38.02 -8.53 -26.49
C TYR C 91 39.34 -9.09 -26.96
N GLN C 92 39.34 -10.37 -27.37
CA GLN C 92 40.57 -11.07 -27.76
C GLN C 92 41.57 -10.99 -26.60
N GLY C 93 42.84 -10.81 -26.94
CA GLY C 93 43.90 -10.80 -25.93
C GLY C 93 43.79 -9.69 -24.86
N LYS C 94 43.42 -8.49 -25.28
CA LYS C 94 43.40 -7.36 -24.40
C LYS C 94 42.02 -6.90 -23.94
N PRO C 95 41.96 -6.29 -22.76
CA PRO C 95 40.71 -5.77 -22.24
C PRO C 95 40.23 -4.65 -23.15
N ALA C 96 38.93 -4.66 -23.44
CA ALA C 96 38.31 -3.67 -24.30
C ALA C 96 38.01 -2.37 -23.55
N SER C 97 37.87 -1.29 -24.32
CA SER C 97 37.53 0.01 -23.78
C SER C 97 36.06 0.30 -24.09
N LEU C 98 35.27 0.58 -23.05
CA LEU C 98 33.83 0.75 -23.24
C LEU C 98 33.27 2.09 -22.75
N THR C 99 32.14 2.48 -23.32
CA THR C 99 31.50 3.75 -23.01
C THR C 99 30.03 3.54 -22.67
N VAL C 100 29.40 4.57 -22.11
CA VAL C 100 27.98 4.55 -21.77
C VAL C 100 27.14 4.28 -23.02
N ALA C 101 27.58 4.85 -24.14
CA ALA C 101 26.89 4.70 -25.43
C ALA C 101 26.83 3.25 -25.89
N ASP C 102 27.89 2.49 -25.63
CA ASP C 102 27.94 1.10 -26.06
C ASP C 102 26.82 0.27 -25.44
N PHE C 103 26.54 0.52 -24.16
CA PHE C 103 25.46 -0.18 -23.45
C PHE C 103 24.07 0.33 -23.84
N LEU C 104 23.94 1.64 -24.02
CA LEU C 104 22.70 2.24 -24.49
C LEU C 104 22.25 1.71 -25.85
N TYR C 105 23.21 1.50 -26.74
CA TYR C 105 22.89 1.19 -28.13
C TYR C 105 23.20 -0.25 -28.50
N HIS C 106 23.56 -1.04 -27.48
CA HIS C 106 23.85 -2.46 -27.65
C HIS C 106 24.99 -2.68 -28.63
N THR C 107 26.06 -1.90 -28.47
CA THR C 107 27.28 -2.10 -29.24
C THR C 107 28.40 -2.60 -28.34
N SER C 108 28.04 -3.12 -27.16
CA SER C 108 29.03 -3.51 -26.15
C SER C 108 29.73 -4.82 -26.51
N GLY C 109 28.99 -5.72 -27.13
CA GLY C 109 29.54 -7.03 -27.51
C GLY C 109 29.43 -8.08 -26.43
N LEU C 110 28.66 -7.79 -25.39
CA LEU C 110 28.43 -8.73 -24.30
C LEU C 110 27.80 -10.05 -24.79
N PRO C 111 28.30 -11.17 -24.28
CA PRO C 111 27.82 -12.51 -24.62
C PRO C 111 26.34 -12.74 -24.29
N PHE C 112 25.75 -13.72 -24.97
CA PHE C 112 24.36 -14.12 -24.74
C PHE C 112 24.22 -14.79 -23.38
N SER C 113 25.32 -15.35 -22.89
CA SER C 113 25.38 -16.00 -21.59
C SER C 113 25.06 -15.04 -20.45
N THR C 114 25.20 -13.75 -20.72
CA THR C 114 25.02 -12.70 -19.70
C THR C 114 23.58 -12.56 -19.22
N LEU C 115 22.62 -12.88 -20.08
CA LEU C 115 21.21 -12.81 -19.70
C LEU C 115 20.90 -13.76 -18.56
N ALA C 116 21.31 -15.02 -18.70
CA ALA C 116 21.09 -16.03 -17.68
C ALA C 116 21.79 -15.67 -16.37
N ARG C 117 22.98 -15.08 -16.49
CA ARG C 117 23.75 -14.68 -15.32
C ARG C 117 23.08 -13.52 -14.58
N LEU C 118 22.62 -12.53 -15.33
CA LEU C 118 21.94 -11.38 -14.76
C LEU C 118 20.58 -11.72 -14.17
N GLU C 119 19.83 -12.58 -14.86
CA GLU C 119 18.50 -12.93 -14.38
C GLU C 119 18.54 -13.84 -13.16
N ASN C 120 19.57 -14.66 -13.05
CA ASN C 120 19.78 -15.45 -11.83
C ASN C 120 19.95 -14.52 -10.63
N PRO C 121 19.11 -14.70 -9.60
CA PRO C 121 19.24 -13.90 -8.39
C PRO C 121 20.49 -14.23 -7.60
N MET C 122 21.34 -13.23 -7.39
CA MET C 122 22.51 -13.39 -6.53
C MET C 122 22.30 -12.58 -5.26
N PRO C 123 22.19 -13.27 -4.12
CA PRO C 123 22.07 -12.59 -2.83
C PRO C 123 23.11 -11.48 -2.66
N GLY C 124 24.35 -11.76 -3.05
CA GLY C 124 25.41 -10.76 -2.93
C GLY C 124 26.30 -10.69 -4.16
N SER C 125 26.04 -9.72 -5.03
CA SER C 125 26.86 -9.51 -6.22
C SER C 125 26.43 -8.27 -6.99
N ALA C 126 27.40 -7.44 -7.37
CA ALA C 126 27.17 -6.26 -8.19
C ALA C 126 27.31 -6.63 -9.65
N VAL C 127 26.68 -5.86 -10.53
CA VAL C 127 26.73 -6.16 -11.97
C VAL C 127 28.14 -6.11 -12.54
N ALA C 128 28.94 -5.14 -12.08
CA ALA C 128 30.32 -4.99 -12.53
C ALA C 128 31.16 -6.21 -12.15
N GLN C 129 31.04 -6.63 -10.90
CA GLN C 129 31.70 -7.84 -10.41
C GLN C 129 31.12 -9.06 -11.14
N GLN C 130 29.83 -9.00 -11.41
CA GLN C 130 29.11 -10.08 -12.07
C GLN C 130 29.56 -10.27 -13.52
N LEU C 131 29.88 -9.16 -14.20
CA LEU C 131 30.26 -9.20 -15.61
C LEU C 131 31.77 -9.15 -15.82
N ARG C 132 32.52 -9.13 -14.73
CA ARG C 132 33.97 -9.03 -14.81
C ARG C 132 34.60 -10.22 -15.55
N ASN C 133 35.61 -9.92 -16.37
CA ASN C 133 36.37 -10.93 -17.10
C ASN C 133 35.58 -11.60 -18.22
N GLU C 134 34.52 -10.94 -18.66
CA GLU C 134 33.69 -11.45 -19.74
C GLU C 134 34.35 -11.19 -21.09
N ASN C 135 34.19 -12.12 -22.01
CA ASN C 135 34.80 -11.99 -23.34
C ASN C 135 33.82 -11.49 -24.38
N LEU C 136 34.14 -10.36 -24.99
CA LEU C 136 33.27 -9.73 -25.97
C LEU C 136 33.25 -10.46 -27.32
N LEU C 137 32.06 -10.53 -27.92
CA LEU C 137 31.89 -11.11 -29.24
C LEU C 137 32.60 -10.27 -30.31
N PHE C 138 32.61 -8.96 -30.13
CA PHE C 138 33.22 -8.04 -31.07
C PHE C 138 33.78 -6.82 -30.32
N ALA C 139 34.55 -6.00 -31.02
CA ALA C 139 35.07 -4.77 -30.43
C ALA C 139 33.93 -3.80 -30.18
N PRO C 140 33.93 -3.14 -29.01
CA PRO C 140 32.87 -2.19 -28.69
C PRO C 140 32.58 -1.20 -29.81
N GLY C 141 31.32 -1.09 -30.20
CA GLY C 141 30.91 -0.14 -31.22
C GLY C 141 30.96 -0.68 -32.63
N ALA C 142 31.54 -1.87 -32.79
CA ALA C 142 31.68 -2.48 -34.11
C ALA C 142 30.33 -2.89 -34.71
N LYS C 143 29.48 -3.52 -33.89
CA LYS C 143 28.20 -4.01 -34.36
C LYS C 143 27.07 -3.75 -33.37
N PHE C 144 25.84 -3.83 -33.85
CA PHE C 144 24.69 -3.85 -32.98
C PHE C 144 24.31 -5.30 -32.66
N SER C 145 24.48 -5.70 -31.41
CA SER C 145 24.00 -7.00 -30.95
C SER C 145 23.20 -6.80 -29.67
N TYR C 146 21.93 -7.16 -29.72
CA TYR C 146 21.03 -6.91 -28.61
C TYR C 146 21.30 -7.83 -27.42
N ALA C 147 21.67 -7.24 -26.30
CA ALA C 147 21.88 -7.98 -25.07
C ALA C 147 21.15 -7.28 -23.94
N SER C 148 20.26 -8.03 -23.28
CA SER C 148 19.47 -7.47 -22.20
C SER C 148 20.33 -6.94 -21.04
N ALA C 149 21.52 -7.51 -20.88
CA ALA C 149 22.45 -7.13 -19.80
C ALA C 149 23.00 -5.71 -19.90
N ASN C 150 23.01 -5.15 -21.10
CA ASN C 150 23.49 -3.80 -21.32
C ASN C 150 22.75 -2.75 -20.48
N TYR C 151 21.44 -2.89 -20.36
CA TYR C 151 20.64 -1.93 -19.61
C TYR C 151 20.70 -2.15 -18.09
N ASP C 152 21.18 -3.33 -17.70
CA ASP C 152 21.48 -3.59 -16.30
C ASP C 152 22.73 -2.85 -15.88
N VAL C 153 23.70 -2.77 -16.80
CA VAL C 153 24.87 -1.92 -16.62
C VAL C 153 24.47 -0.45 -16.46
N LEU C 154 23.50 -0.02 -17.28
CA LEU C 154 23.01 1.34 -17.23
C LEU C 154 22.33 1.64 -15.89
N GLY C 155 21.64 0.66 -15.33
CA GLY C 155 21.02 0.80 -14.01
C GLY C 155 22.07 1.12 -12.96
N ALA C 156 23.18 0.40 -13.02
CA ALA C 156 24.31 0.59 -12.11
C ALA C 156 24.95 1.97 -12.29
N VAL C 157 25.07 2.41 -13.53
CA VAL C 157 25.57 3.77 -13.80
C VAL C 157 24.66 4.82 -13.19
N ILE C 158 23.34 4.64 -13.36
CA ILE C 158 22.36 5.57 -12.80
C ILE C 158 22.49 5.65 -11.27
N GLU C 159 22.65 4.49 -10.64
CA GLU C 159 22.85 4.43 -9.21
C GLU C 159 24.14 5.12 -8.79
N ASN C 160 25.21 4.88 -9.55
CA ASN C 160 26.51 5.46 -9.25
C ASN C 160 26.52 6.98 -9.36
N VAL C 161 25.89 7.50 -10.41
CA VAL C 161 25.82 8.94 -10.62
C VAL C 161 24.94 9.63 -9.59
N THR C 162 23.77 9.06 -9.33
CA THR C 162 22.79 9.68 -8.42
C THR C 162 23.10 9.50 -6.94
N GLY C 163 23.76 8.39 -6.60
CA GLY C 163 23.95 8.04 -5.20
C GLY C 163 22.69 7.47 -4.58
N LYS C 164 21.74 7.08 -5.42
CA LYS C 164 20.44 6.58 -4.97
C LYS C 164 20.18 5.22 -5.57
N THR C 165 19.18 4.51 -5.05
CA THR C 165 18.77 3.24 -5.63
C THR C 165 18.03 3.48 -6.93
N PHE C 166 18.01 2.46 -7.78
CA PHE C 166 17.31 2.54 -9.06
C PHE C 166 15.82 2.84 -8.89
N THR C 167 15.19 2.18 -7.92
CA THR C 167 13.77 2.39 -7.63
C THR C 167 13.49 3.84 -7.22
N GLU C 168 14.38 4.39 -6.41
CA GLU C 168 14.21 5.77 -5.96
C GLU C 168 14.34 6.76 -7.12
N VAL C 169 15.32 6.54 -7.99
CA VAL C 169 15.54 7.42 -9.13
C VAL C 169 14.37 7.34 -10.11
N ILE C 170 13.90 6.12 -10.36
CA ILE C 170 12.75 5.92 -11.24
C ILE C 170 11.53 6.65 -10.71
N ALA C 171 11.31 6.57 -9.39
CA ALA C 171 10.17 7.23 -8.78
C ALA C 171 10.33 8.76 -8.81
N GLU C 172 11.48 9.24 -8.39
CA GLU C 172 11.74 10.68 -8.34
C GLU C 172 11.78 11.34 -9.72
N ARG C 173 12.52 10.75 -10.65
CA ARG C 173 12.66 11.33 -11.99
C ARG C 173 11.47 11.08 -12.93
N LEU C 174 10.84 9.91 -12.82
CA LEU C 174 9.84 9.51 -13.82
C LEU C 174 8.40 9.35 -13.35
N THR C 175 8.15 8.35 -12.52
CA THR C 175 6.76 7.99 -12.21
C THR C 175 6.00 9.05 -11.41
N GLN C 176 6.67 9.71 -10.46
CA GLN C 176 6.02 10.75 -9.67
CA GLN C 176 6.05 10.77 -9.65
C GLN C 176 5.73 12.01 -10.50
N PRO C 177 6.71 12.50 -11.27
CA PRO C 177 6.46 13.64 -12.14
C PRO C 177 5.39 13.34 -13.19
N LEU C 178 5.42 12.13 -13.74
CA LEU C 178 4.45 11.72 -14.76
C LEU C 178 3.10 11.31 -14.17
N GLY C 179 3.05 11.16 -12.86
CA GLY C 179 1.80 10.81 -12.18
C GLY C 179 1.37 9.36 -12.39
N MET C 180 2.33 8.46 -12.55
CA MET C 180 2.03 7.05 -12.71
C MET C 180 2.06 6.34 -11.34
N SER C 181 0.89 6.23 -10.73
CA SER C 181 0.78 5.68 -9.37
C SER C 181 1.15 4.20 -9.24
N ALA C 182 0.84 3.40 -10.25
CA ALA C 182 1.01 1.95 -10.15
C ALA C 182 2.36 1.44 -10.65
N THR C 183 3.12 2.30 -11.31
CA THR C 183 4.39 1.88 -11.89
C THR C 183 5.51 1.90 -10.87
N VAL C 184 6.26 0.81 -10.79
CA VAL C 184 7.35 0.71 -9.81
C VAL C 184 8.47 -0.21 -10.30
N ALA C 185 9.70 0.15 -9.94
CA ALA C 185 10.83 -0.73 -10.16
C ALA C 185 11.03 -1.53 -8.90
N VAL C 186 10.81 -2.84 -8.98
CA VAL C 186 10.85 -3.68 -7.80
C VAL C 186 12.26 -3.80 -7.24
N LYS C 187 12.36 -3.78 -5.91
CA LYS C 187 13.63 -3.93 -5.22
C LYS C 187 14.07 -5.38 -5.27
N GLY C 188 13.13 -6.29 -5.38
CA GLY C 188 13.44 -7.70 -5.38
C GLY C 188 12.19 -8.54 -5.17
N ASP C 189 12.23 -9.42 -4.17
CA ASP C 189 11.08 -10.25 -3.84
C ASP C 189 10.22 -9.58 -2.78
N GLU C 190 9.42 -8.61 -3.20
CA GLU C 190 8.43 -8.01 -2.32
C GLU C 190 7.08 -8.17 -2.99
N ILE C 191 6.09 -8.63 -2.26
CA ILE C 191 4.80 -8.92 -2.87
C ILE C 191 4.16 -7.65 -3.42
N ILE C 192 3.59 -7.76 -4.61
CA ILE C 192 2.93 -6.62 -5.23
C ILE C 192 1.44 -6.88 -5.35
N VAL C 193 0.64 -5.99 -4.78
CA VAL C 193 -0.80 -6.14 -4.82
C VAL C 193 -1.28 -5.99 -6.27
N ASN C 194 -2.19 -6.86 -6.67
CA ASN C 194 -2.83 -6.77 -7.98
C ASN C 194 -1.99 -7.34 -9.11
N LYS C 195 -0.80 -7.83 -8.79
CA LYS C 195 0.06 -8.38 -9.82
C LYS C 195 -0.51 -9.68 -10.38
N ALA C 196 -0.59 -9.77 -11.70
CA ALA C 196 -1.04 -10.97 -12.38
C ALA C 196 -0.07 -12.12 -12.15
N SER C 197 -0.59 -13.35 -12.11
CA SER C 197 0.28 -14.51 -12.11
C SER C 197 0.92 -14.65 -13.49
N GLY C 198 2.14 -15.17 -13.53
CA GLY C 198 2.84 -15.36 -14.78
C GLY C 198 2.84 -16.82 -15.21
N TYR C 199 2.59 -17.04 -16.50
CA TYR C 199 2.52 -18.40 -17.02
C TYR C 199 3.57 -18.60 -18.10
N LYS C 200 4.14 -19.81 -18.12
CA LYS C 200 5.11 -20.15 -19.13
C LYS C 200 4.48 -21.17 -20.05
N LEU C 201 4.41 -20.86 -21.34
CA LEU C 201 3.75 -21.73 -22.30
C LEU C 201 4.46 -23.07 -22.46
N GLY C 202 3.67 -24.11 -22.62
CA GLY C 202 4.23 -25.41 -22.97
C GLY C 202 4.38 -26.31 -21.76
N PHE C 203 3.84 -27.50 -21.88
CA PHE C 203 3.06 -27.87 -23.06
C PHE C 203 1.72 -27.14 -23.00
N GLY C 204 1.22 -26.96 -21.79
CA GLY C 204 0.04 -26.16 -21.50
C GLY C 204 0.54 -25.05 -20.60
N LYS C 205 -0.27 -24.02 -20.39
CA LYS C 205 0.16 -22.87 -19.59
C LYS C 205 0.24 -23.16 -18.08
N PRO C 206 1.44 -23.50 -17.58
CA PRO C 206 1.69 -23.68 -16.16
C PRO C 206 2.35 -22.44 -15.52
N VAL C 207 2.09 -22.22 -14.24
CA VAL C 207 2.55 -21.02 -13.55
C VAL C 207 4.00 -21.09 -13.04
N LEU C 208 4.78 -20.06 -13.34
CA LEU C 208 6.13 -19.90 -12.81
C LEU C 208 6.24 -18.57 -12.07
N PHE C 209 5.10 -18.12 -11.55
CA PHE C 209 4.97 -16.77 -10.99
C PHE C 209 5.85 -16.31 -9.83
N HIS C 210 5.85 -17.05 -8.73
CA HIS C 210 6.63 -16.55 -7.61
C HIS C 210 7.92 -17.27 -7.21
N ALA C 211 9.00 -16.59 -7.56
CA ALA C 211 10.35 -16.90 -7.15
C ALA C 211 11.00 -15.53 -7.16
N PRO C 212 11.98 -15.28 -6.27
CA PRO C 212 12.58 -13.95 -6.22
C PRO C 212 13.11 -13.48 -7.57
N LEU C 213 12.78 -12.24 -7.92
CA LEU C 213 13.35 -11.59 -9.10
C LEU C 213 14.70 -10.99 -8.74
N ALA C 214 15.68 -11.15 -9.63
CA ALA C 214 16.99 -10.57 -9.43
C ALA C 214 16.95 -9.04 -9.45
N ARG C 215 17.50 -8.41 -8.42
CA ARG C 215 17.50 -6.95 -8.29
C ARG C 215 18.31 -6.27 -9.40
N ASN C 216 19.45 -6.87 -9.75
CA ASN C 216 20.32 -6.32 -10.78
C ASN C 216 19.67 -6.25 -12.15
N HIS C 217 18.76 -7.19 -12.42
CA HIS C 217 18.14 -7.32 -13.72
C HIS C 217 16.89 -6.46 -13.92
N VAL C 218 16.50 -5.73 -12.89
CA VAL C 218 15.26 -4.93 -12.92
C VAL C 218 15.22 -3.82 -13.99
N PRO C 219 16.33 -3.09 -14.17
CA PRO C 219 16.38 -2.02 -15.19
C PRO C 219 16.12 -2.52 -16.62
N ALA C 220 16.51 -3.77 -16.90
CA ALA C 220 16.28 -4.35 -18.21
C ALA C 220 14.92 -5.04 -18.34
N ALA C 221 14.45 -5.67 -17.23
CA ALA C 221 13.26 -6.52 -17.37
C ALA C 221 12.15 -6.47 -16.33
N TYR C 222 12.41 -5.93 -15.14
CA TYR C 222 11.43 -6.05 -14.06
C TYR C 222 10.65 -4.82 -13.59
N ILE C 223 10.59 -3.78 -14.40
CA ILE C 223 9.68 -2.68 -14.07
C ILE C 223 8.24 -3.17 -14.17
N HIS C 224 7.41 -2.78 -13.21
CA HIS C 224 6.03 -3.25 -13.13
C HIS C 224 5.07 -2.09 -13.42
N SER C 225 4.01 -2.37 -14.18
CA SER C 225 3.04 -1.33 -14.49
C SER C 225 1.64 -1.87 -14.78
N THR C 226 0.70 -0.95 -14.97
CA THR C 226 -0.66 -1.28 -15.34
C THR C 226 -0.95 -0.68 -16.71
N LEU C 227 -2.09 -1.06 -17.30
CA LEU C 227 -2.51 -0.48 -18.57
C LEU C 227 -2.72 1.04 -18.50
N PRO C 228 -3.48 1.51 -17.50
CA PRO C 228 -3.68 2.97 -17.35
C PRO C 228 -2.37 3.73 -17.18
N ASP C 229 -1.42 3.19 -16.43
CA ASP C 229 -0.11 3.82 -16.31
C ASP C 229 0.66 3.86 -17.63
N MET C 230 0.54 2.82 -18.43
CA MET C 230 1.22 2.76 -19.72
C MET C 230 0.58 3.72 -20.72
N GLU C 231 -0.71 3.98 -20.54
CA GLU C 231 -1.41 5.01 -21.31
C GLU C 231 -0.84 6.39 -21.00
N ILE C 232 -0.58 6.66 -19.73
CA ILE C 232 0.02 7.91 -19.31
C ILE C 232 1.42 8.01 -19.90
N TRP C 233 2.14 6.90 -19.87
CA TRP C 233 3.47 6.79 -20.45
C TRP C 233 3.45 7.12 -21.95
N ILE C 234 2.53 6.50 -22.68
CA ILE C 234 2.36 6.77 -24.11
C ILE C 234 1.99 8.24 -24.38
N ASP C 235 1.08 8.78 -23.58
CA ASP C 235 0.62 10.15 -23.75
C ASP C 235 1.75 11.17 -23.53
N ALA C 236 2.63 10.89 -22.58
CA ALA C 236 3.75 11.77 -22.29
C ALA C 236 4.74 11.81 -23.46
N TRP C 237 5.01 10.66 -24.06
CA TRP C 237 5.89 10.61 -25.23
C TRP C 237 5.28 11.32 -26.43
N LEU C 238 3.98 11.13 -26.64
CA LEU C 238 3.25 11.75 -27.74
C LEU C 238 3.11 13.26 -27.54
N HIS C 239 3.00 13.68 -26.28
CA HIS C 239 2.84 15.08 -25.96
C HIS C 239 4.06 15.61 -25.23
N ARG C 240 5.23 15.15 -25.65
CA ARG C 240 6.48 15.45 -24.97
C ARG C 240 6.79 16.94 -24.92
N LYS C 241 6.29 17.68 -25.90
CA LYS C 241 6.53 19.12 -26.00
C LYS C 241 5.85 19.90 -24.87
N ALA C 242 4.80 19.33 -24.30
CA ALA C 242 4.07 19.95 -23.21
C ALA C 242 4.84 19.91 -21.89
N LEU C 243 5.78 18.97 -21.79
CA LEU C 243 6.51 18.71 -20.55
C LEU C 243 7.61 19.73 -20.25
N PRO C 244 8.13 19.70 -19.01
CA PRO C 244 9.27 20.50 -18.57
C PRO C 244 10.48 20.27 -19.47
N ALA C 245 11.31 21.30 -19.63
CA ALA C 245 12.38 21.28 -20.63
C ALA C 245 13.34 20.09 -20.51
N THR C 246 13.79 19.77 -19.31
CA THR C 246 14.73 18.67 -19.15
C THR C 246 14.11 17.34 -19.59
N LEU C 247 12.86 17.12 -19.20
CA LEU C 247 12.16 15.90 -19.56
C LEU C 247 11.87 15.86 -21.06
N ARG C 248 11.40 16.99 -21.58
CA ARG C 248 11.11 17.13 -23.01
C ARG C 248 12.34 16.90 -23.86
N GLU C 249 13.45 17.57 -23.52
CA GLU C 249 14.69 17.42 -24.26
C GLU C 249 15.23 15.99 -24.17
N ALA C 250 15.12 15.40 -22.99
CA ALA C 250 15.59 14.04 -22.79
C ALA C 250 14.82 13.06 -23.68
N MET C 251 13.52 13.28 -23.81
CA MET C 251 12.68 12.41 -24.64
C MET C 251 13.07 12.43 -26.12
N SER C 252 13.34 13.62 -26.65
CA SER C 252 13.80 13.77 -28.03
C SER C 252 15.11 13.07 -28.27
N ASN C 253 16.02 13.20 -27.30
CA ASN C 253 17.32 12.54 -27.36
C ASN C 253 17.20 11.03 -27.25
N SER C 254 16.17 10.58 -26.53
CA SER C 254 15.94 9.15 -26.32
C SER C 254 15.52 8.45 -27.59
N TRP C 255 14.91 9.21 -28.50
CA TRP C 255 14.40 8.67 -29.76
C TRP C 255 15.42 8.74 -30.90
N ARG C 256 16.60 9.29 -30.62
CA ARG C 256 17.65 9.38 -31.63
C ARG C 256 18.36 8.04 -31.79
N GLY C 257 18.27 7.45 -32.97
CA GLY C 257 18.84 6.13 -33.22
C GLY C 257 20.34 6.15 -33.53
N ASN C 258 21.04 5.09 -33.13
CA ASN C 258 22.46 4.98 -33.43
C ASN C 258 22.69 4.43 -34.84
N SER C 259 23.16 5.29 -35.74
CA SER C 259 23.38 4.88 -37.13
C SER C 259 24.82 4.42 -37.43
N ASP C 260 25.66 4.36 -36.40
CA ASP C 260 27.05 4.00 -36.57
C ASP C 260 27.34 2.50 -36.43
N VAL C 261 26.38 1.68 -36.82
CA VAL C 261 26.57 0.23 -36.82
C VAL C 261 26.16 -0.32 -38.19
N PRO C 262 26.72 -1.48 -38.57
CA PRO C 262 26.31 -2.19 -39.78
C PRO C 262 24.84 -2.57 -39.76
N LEU C 263 24.20 -2.47 -40.92
CA LEU C 263 22.79 -2.79 -41.08
C LEU C 263 22.63 -4.01 -41.97
N ALA C 264 21.64 -4.84 -41.67
CA ALA C 264 21.38 -6.02 -42.46
C ALA C 264 20.71 -5.63 -43.77
N ALA C 265 20.71 -6.54 -44.73
CA ALA C 265 20.10 -6.27 -46.03
C ALA C 265 18.60 -6.05 -45.92
N ASP C 266 17.95 -6.79 -45.03
CA ASP C 266 16.50 -6.66 -44.84
C ASP C 266 16.15 -5.82 -43.61
N ASN C 267 17.16 -5.37 -42.88
CA ASN C 267 16.90 -4.62 -41.65
C ASN C 267 17.82 -3.41 -41.46
N ARG C 268 17.30 -2.22 -41.75
CA ARG C 268 18.09 -1.00 -41.59
C ARG C 268 17.56 -0.18 -40.40
N ILE C 269 16.79 -0.83 -39.54
CA ILE C 269 16.23 -0.22 -38.35
C ILE C 269 17.33 0.14 -37.34
N LEU C 270 17.13 1.23 -36.60
CA LEU C 270 18.11 1.67 -35.63
C LEU C 270 17.61 1.51 -34.21
N TYR C 271 18.55 1.46 -33.27
CA TYR C 271 18.23 1.40 -31.85
C TYR C 271 18.56 2.72 -31.20
N ALA C 272 17.61 3.26 -30.45
CA ALA C 272 17.81 4.49 -29.68
C ALA C 272 18.01 4.12 -28.21
N SER C 273 17.45 4.92 -27.29
CA SER C 273 17.58 4.63 -25.86
C SER C 273 16.46 3.74 -25.34
N GLY C 274 16.56 2.45 -25.63
CA GLY C 274 15.51 1.51 -25.25
C GLY C 274 14.34 1.50 -26.23
N TRP C 275 14.61 1.94 -27.46
CA TRP C 275 13.59 1.94 -28.52
C TRP C 275 14.20 1.51 -29.85
N PHE C 276 13.35 0.96 -30.72
CA PHE C 276 13.72 0.68 -32.10
C PHE C 276 13.06 1.79 -32.90
N ILE C 277 13.85 2.40 -33.79
CA ILE C 277 13.34 3.47 -34.65
C ILE C 277 13.30 3.03 -36.11
N ASP C 278 12.11 3.02 -36.69
CA ASP C 278 11.94 2.67 -38.09
C ASP C 278 11.35 3.85 -38.84
N GLN C 279 12.04 4.27 -39.90
CA GLN C 279 11.53 5.34 -40.76
C GLN C 279 10.43 4.88 -41.72
N ASN C 280 10.43 3.59 -42.09
CA ASN C 280 9.45 3.05 -43.03
C ASN C 280 8.01 3.19 -42.53
N GLN C 281 7.19 3.88 -43.30
CA GLN C 281 5.84 4.22 -42.87
C GLN C 281 5.92 4.77 -41.45
N GLY C 282 6.90 5.65 -41.23
CA GLY C 282 7.19 6.15 -39.90
C GLY C 282 7.24 7.66 -39.80
N PRO C 283 7.88 8.17 -38.73
CA PRO C 283 8.52 7.39 -37.67
C PRO C 283 7.62 6.37 -36.95
N TYR C 284 8.15 5.15 -36.81
CA TYR C 284 7.48 4.07 -36.11
C TYR C 284 8.42 3.65 -35.00
N ILE C 285 7.99 3.84 -33.75
CA ILE C 285 8.88 3.62 -32.62
C ILE C 285 8.31 2.54 -31.69
N SER C 286 9.08 1.49 -31.48
CA SER C 286 8.56 0.33 -30.78
C SER C 286 9.60 -0.44 -29.98
N HIS C 287 9.09 -1.27 -29.09
CA HIS C 287 9.90 -2.25 -28.37
C HIS C 287 9.00 -3.33 -27.82
N GLY C 288 9.53 -4.54 -27.72
CA GLY C 288 8.80 -5.64 -27.14
C GLY C 288 9.43 -6.02 -25.81
N GLY C 289 8.63 -6.63 -24.95
CA GLY C 289 9.13 -7.16 -23.70
C GLY C 289 8.84 -8.64 -23.66
N GLN C 290 9.85 -9.44 -23.41
CA GLN C 290 9.66 -10.88 -23.32
C GLN C 290 10.36 -11.41 -22.08
N ASN C 291 9.57 -11.93 -21.16
CA ASN C 291 10.08 -12.50 -19.94
C ASN C 291 9.65 -13.97 -19.93
N PRO C 292 10.20 -14.76 -19.01
CA PRO C 292 9.76 -16.15 -18.94
C PRO C 292 8.25 -16.29 -18.79
N ASN C 293 7.64 -15.48 -17.93
CA ASN C 293 6.22 -15.58 -17.65
C ASN C 293 5.37 -14.39 -18.12
N PHE C 294 5.99 -13.45 -18.82
CA PHE C 294 5.28 -12.26 -19.30
C PHE C 294 5.75 -11.85 -20.69
N SER C 295 4.85 -11.27 -21.48
CA SER C 295 5.23 -10.68 -22.76
C SER C 295 4.44 -9.40 -23.00
N SER C 296 5.04 -8.47 -23.74
CA SER C 296 4.42 -7.17 -24.01
C SER C 296 4.98 -6.52 -25.27
N CYS C 297 4.23 -5.58 -25.82
CA CYS C 297 4.73 -4.75 -26.92
C CYS C 297 4.23 -3.31 -26.79
N ILE C 298 5.00 -2.39 -27.33
CA ILE C 298 4.57 -1.00 -27.40
C ILE C 298 4.97 -0.42 -28.74
N ALA C 299 4.07 0.35 -29.34
CA ALA C 299 4.33 0.97 -30.63
C ALA C 299 3.81 2.39 -30.64
N LEU C 300 4.61 3.31 -31.18
CA LEU C 300 4.19 4.69 -31.29
C LEU C 300 4.41 5.19 -32.71
N ARG C 301 3.39 5.82 -33.26
CA ARG C 301 3.52 6.53 -34.52
C ARG C 301 3.06 7.97 -34.29
N PRO C 302 3.98 8.80 -33.80
CA PRO C 302 3.76 10.19 -33.36
C PRO C 302 3.08 11.10 -34.37
N ASP C 303 3.40 10.93 -35.66
CA ASP C 303 2.86 11.82 -36.69
C ASP C 303 1.34 11.73 -36.81
N GLN C 304 0.78 10.54 -36.60
CA GLN C 304 -0.67 10.41 -36.58
C GLN C 304 -1.22 10.27 -35.15
N GLN C 305 -0.39 10.58 -34.16
CA GLN C 305 -0.79 10.48 -32.76
C GLN C 305 -1.28 9.08 -32.41
N ILE C 306 -0.50 8.07 -32.82
CA ILE C 306 -0.85 6.69 -32.57
C ILE C 306 0.00 6.10 -31.46
N GLY C 307 -0.66 5.53 -30.46
CA GLY C 307 0.02 4.83 -29.38
C GLY C 307 -0.65 3.49 -29.10
N ILE C 308 0.15 2.44 -29.08
CA ILE C 308 -0.36 1.09 -28.87
C ILE C 308 0.44 0.38 -27.79
N VAL C 309 -0.24 -0.23 -26.84
CA VAL C 309 0.42 -1.01 -25.80
C VAL C 309 -0.36 -2.29 -25.51
N ALA C 310 0.35 -3.40 -25.42
CA ALA C 310 -0.27 -4.68 -25.06
C ALA C 310 0.50 -5.33 -23.92
N LEU C 311 -0.23 -5.85 -22.95
CA LEU C 311 0.37 -6.54 -21.80
C LEU C 311 -0.27 -7.91 -21.63
N ALA C 312 0.58 -8.93 -21.49
CA ALA C 312 0.09 -10.29 -21.32
C ALA C 312 0.85 -11.00 -20.19
N ASN C 313 0.19 -11.93 -19.52
CA ASN C 313 0.81 -12.65 -18.41
C ASN C 313 1.41 -14.00 -18.79
N MET C 314 1.65 -14.20 -20.08
CA MET C 314 2.39 -15.37 -20.55
C MET C 314 3.36 -14.92 -21.63
N ASN C 315 4.45 -15.65 -21.77
CA ASN C 315 5.42 -15.36 -22.83
C ASN C 315 4.95 -15.90 -24.18
N SER C 316 4.56 -14.99 -25.07
CA SER C 316 4.07 -15.39 -26.38
C SER C 316 4.73 -14.56 -27.49
N ASN C 317 5.19 -15.25 -28.52
CA ASN C 317 5.77 -14.59 -29.69
C ASN C 317 4.74 -13.76 -30.45
N LEU C 318 3.49 -14.20 -30.38
CA LEU C 318 2.38 -13.49 -31.04
C LEU C 318 2.12 -12.12 -30.41
N ILE C 319 2.36 -12.01 -29.11
CA ILE C 319 2.15 -10.74 -28.41
C ILE C 319 3.11 -9.68 -28.93
N LEU C 320 4.34 -10.10 -29.25
CA LEU C 320 5.35 -9.21 -29.79
C LEU C 320 4.93 -8.63 -31.13
N GLN C 321 4.24 -9.44 -31.93
CA GLN C 321 3.78 -9.01 -33.24
C GLN C 321 2.44 -8.26 -33.15
N LEU C 322 1.81 -8.29 -31.98
CA LEU C 322 0.46 -7.76 -31.81
C LEU C 322 0.33 -6.25 -32.08
N CYS C 323 1.30 -5.48 -31.63
CA CYS C 323 1.30 -4.05 -31.90
C CYS C 323 1.38 -3.76 -33.40
N ALA C 324 2.16 -4.57 -34.11
CA ALA C 324 2.29 -4.44 -35.57
C ALA C 324 0.97 -4.75 -36.29
N ASP C 325 0.27 -5.78 -35.81
CA ASP C 325 -1.05 -6.12 -36.34
C ASP C 325 -2.03 -4.94 -36.20
N ILE C 326 -2.08 -4.37 -34.99
CA ILE C 326 -2.94 -3.24 -34.72
C ILE C 326 -2.55 -2.02 -35.55
N ASP C 327 -1.24 -1.77 -35.69
CA ASP C 327 -0.79 -0.65 -36.49
C ASP C 327 -1.19 -0.83 -37.96
N ASN C 328 -1.10 -2.05 -38.46
CA ASN C 328 -1.56 -2.35 -39.81
C ASN C 328 -3.03 -2.02 -39.96
N TYR C 329 -3.84 -2.44 -38.97
CA TYR C 329 -5.27 -2.20 -39.00
C TYR C 329 -5.58 -0.71 -39.04
N LEU C 330 -4.87 0.07 -38.22
CA LEU C 330 -5.04 1.51 -38.20
C LEU C 330 -4.59 2.16 -39.51
N ARG C 331 -3.44 1.70 -40.03
CA ARG C 331 -2.86 2.30 -41.21
C ARG C 331 -3.64 1.96 -42.49
N ILE C 332 -3.98 0.69 -42.68
CA ILE C 332 -4.61 0.28 -43.95
C ILE C 332 -5.89 -0.55 -43.80
N GLY C 333 -6.34 -0.78 -42.56
CA GLY C 333 -7.54 -1.55 -42.33
C GLY C 333 -7.38 -3.04 -42.64
N LYS C 334 -6.13 -3.49 -42.69
CA LYS C 334 -5.85 -4.90 -42.95
C LYS C 334 -4.81 -5.45 -42.00
N TYR C 335 -4.73 -6.76 -41.91
CA TYR C 335 -3.68 -7.43 -41.15
C TYR C 335 -3.59 -8.90 -41.56
#